data_9EZC
#
_entry.id   9EZC
#
_cell.length_a   1.00
_cell.length_b   1.00
_cell.length_c   1.00
_cell.angle_alpha   90.00
_cell.angle_beta   90.00
_cell.angle_gamma   90.00
#
_symmetry.space_group_name_H-M   'P 1'
#
_entity_poly.entity_id   1
_entity_poly.type   'polypeptide(L)'
_entity_poly.pdbx_seq_one_letter_code
;MSIPVTEFRQFSEQQPAFRVLKPWWDVFTDYLSVAMLMIGVFGCTLQVMQDKIICLPKRVQPAQNHSSLSNVSQAVASTT
PLPPPKPSPANPITVEMKGLKTDLDLQQYSFINQMCYERALHWYAKYFPYLVLIHTLVFMLCSNFWFKFPGSSSKIEHFI
SILGKCFDSPWTTRALSEVSGEDSEEKDNRKNNMNRSNTIQSGPEGSLVNSQSLKSIPEKFVVDKSTAGALDKKEGEQAK
ALFEKVKKFRLHVEEGDILYAMYVRQTVLKVIKFLIIIAYNSALVSKVQFTVDCNVDIQDMTGYKNFSCNHTMAHLFSKL
SFCYLCFVSIYGLTCLYTLYWLFYRSLREYSFEYVRQETGIDDIPDVKNDFAFMLHMIDQYDPLYSKRFAVFLSEVSENK
IKAAELKALEVLFQ
;
_entity_poly.pdbx_strand_id   A,B,C,D,E,F,G
#
# COMPACT_ATOMS: atom_id res chain seq x y z
N ILE A 39 20.60 9.94 -22.12
CA ILE A 39 20.50 8.70 -21.37
C ILE A 39 20.55 9.00 -19.87
N GLY A 40 21.32 10.02 -19.51
CA GLY A 40 21.44 10.38 -18.11
C GLY A 40 20.12 10.78 -17.49
N VAL A 41 19.26 11.44 -18.26
CA VAL A 41 17.92 11.75 -17.77
C VAL A 41 17.14 10.45 -17.52
N PHE A 42 17.18 9.52 -18.48
CA PHE A 42 16.57 8.22 -18.27
C PHE A 42 17.21 7.52 -17.07
N GLY A 43 18.52 7.69 -16.91
CA GLY A 43 19.21 7.14 -15.76
C GLY A 43 18.70 7.67 -14.44
N CYS A 44 18.39 8.98 -14.39
CA CYS A 44 17.89 9.54 -13.14
C CYS A 44 16.44 9.16 -12.91
N THR A 45 15.68 8.91 -13.98
CA THR A 45 14.36 8.30 -13.79
C THR A 45 14.50 6.93 -13.13
N LEU A 46 15.43 6.09 -13.60
CA LEU A 46 15.66 4.81 -12.93
C LEU A 46 16.14 5.01 -11.50
N GLN A 47 17.03 5.97 -11.27
CA GLN A 47 17.56 6.19 -9.92
C GLN A 47 16.45 6.61 -8.96
N VAL A 48 15.54 7.47 -9.41
CA VAL A 48 14.45 7.90 -8.53
C VAL A 48 13.46 6.77 -8.33
N MET A 49 13.10 6.05 -9.40
CA MET A 49 11.99 5.11 -9.33
C MET A 49 12.41 3.77 -8.73
N GLN A 50 13.33 3.06 -9.38
CA GLN A 50 13.61 1.66 -9.06
C GLN A 50 15.05 1.39 -8.64
N ASP A 51 15.76 2.38 -8.10
CA ASP A 51 17.12 2.15 -7.62
C ASP A 51 16.96 1.64 -6.19
N LYS A 52 16.77 0.32 -6.07
CA LYS A 52 16.63 -0.35 -4.78
C LYS A 52 17.54 -1.56 -4.74
N ILE A 53 18.08 -1.85 -3.56
CA ILE A 53 18.87 -3.05 -3.33
C ILE A 53 18.24 -3.80 -2.16
N ILE A 54 18.51 -5.10 -2.08
CA ILE A 54 17.99 -5.95 -1.01
C ILE A 54 19.14 -6.71 -0.38
N CYS A 55 19.17 -6.72 0.95
CA CYS A 55 20.27 -7.25 1.76
C CYS A 55 19.75 -8.26 2.78
N LEU A 56 20.52 -9.35 2.95
CA LEU A 56 20.23 -10.33 4.00
C LEU A 56 21.52 -10.78 4.66
N PRO A 57 21.52 -11.03 5.97
CA PRO A 57 22.76 -11.39 6.67
C PRO A 57 23.29 -12.76 6.31
N LYS A 58 24.60 -12.92 6.42
CA LYS A 58 25.30 -14.13 5.98
C LYS A 58 25.71 -15.03 7.13
N ARG A 59 26.48 -14.50 8.10
CA ARG A 59 26.95 -15.31 9.20
C ARG A 59 25.80 -15.69 10.12
N VAL A 60 25.75 -16.96 10.51
CA VAL A 60 24.64 -17.46 11.34
C VAL A 60 25.14 -18.09 12.64
N LEU A 100 14.31 -19.92 6.47
CA LEU A 100 15.32 -19.26 7.28
C LEU A 100 14.88 -17.84 7.64
N LYS A 101 14.10 -17.71 8.71
CA LYS A 101 13.68 -16.41 9.17
C LYS A 101 14.84 -15.67 9.84
N THR A 102 14.86 -14.35 9.69
CA THR A 102 15.92 -13.51 10.25
C THR A 102 15.42 -12.60 11.36
N ASP A 103 14.12 -12.64 11.67
CA ASP A 103 13.45 -11.81 12.67
C ASP A 103 13.88 -10.35 12.63
N LEU A 104 13.96 -9.77 11.43
CA LEU A 104 14.16 -8.34 11.24
C LEU A 104 12.92 -7.74 10.60
N ASP A 105 12.48 -6.60 11.13
CA ASP A 105 11.31 -5.91 10.62
C ASP A 105 11.63 -5.16 9.34
N LEU A 106 10.58 -4.62 8.71
CA LEU A 106 10.76 -3.92 7.44
C LEU A 106 11.59 -2.66 7.60
N GLN A 107 11.44 -1.97 8.74
CA GLN A 107 12.27 -0.79 9.00
C GLN A 107 13.74 -1.16 9.06
N GLN A 108 14.05 -2.26 9.76
CA GLN A 108 15.44 -2.72 9.82
C GLN A 108 15.94 -3.15 8.45
N TYR A 109 15.08 -3.80 7.66
CA TYR A 109 15.48 -4.21 6.31
C TYR A 109 15.82 -3.00 5.46
N SER A 110 14.98 -1.96 5.49
CA SER A 110 15.26 -0.76 4.71
C SER A 110 16.52 -0.07 5.20
N PHE A 111 16.71 -0.03 6.52
CA PHE A 111 17.92 0.58 7.08
C PHE A 111 19.17 -0.14 6.58
N ILE A 112 19.16 -1.48 6.63
CA ILE A 112 20.31 -2.26 6.18
C ILE A 112 20.53 -2.05 4.69
N ASN A 113 19.46 -2.05 3.91
CA ASN A 113 19.59 -1.86 2.46
C ASN A 113 20.23 -0.52 2.16
N GLN A 114 19.79 0.54 2.83
CA GLN A 114 20.31 1.87 2.50
C GLN A 114 21.76 2.00 2.99
N MET A 115 22.08 1.42 4.15
CA MET A 115 23.46 1.41 4.61
C MET A 115 24.38 0.73 3.61
N CYS A 116 23.99 -0.44 3.12
CA CYS A 116 24.84 -1.15 2.17
C CYS A 116 24.90 -0.41 0.84
N TYR A 117 23.82 0.25 0.43
CA TYR A 117 23.86 1.11 -0.74
C TYR A 117 24.89 2.21 -0.57
N GLU A 118 24.93 2.81 0.62
CA GLU A 118 25.88 3.90 0.87
C GLU A 118 27.31 3.41 0.90
N ARG A 119 27.56 2.23 1.49
CA ARG A 119 28.94 1.83 1.72
C ARG A 119 29.46 0.89 0.63
N ALA A 120 28.61 -0.02 0.13
CA ALA A 120 29.14 -1.08 -0.72
C ALA A 120 29.06 -0.72 -2.20
N LEU A 121 27.92 -0.24 -2.67
CA LEU A 121 27.76 0.01 -4.10
C LEU A 121 28.68 1.13 -4.56
N HIS A 122 29.30 0.92 -5.72
CA HIS A 122 30.31 1.84 -6.21
C HIS A 122 29.67 3.17 -6.59
N TRP A 123 30.45 4.25 -6.42
CA TRP A 123 29.94 5.59 -6.63
C TRP A 123 29.54 5.83 -8.08
N TYR A 124 30.01 5.00 -9.02
CA TYR A 124 29.61 5.17 -10.41
C TYR A 124 28.12 4.91 -10.58
N ALA A 125 27.59 3.90 -9.88
CA ALA A 125 26.17 3.61 -9.97
C ALA A 125 25.33 4.81 -9.60
N LYS A 126 25.72 5.52 -8.53
CA LYS A 126 24.98 6.71 -8.11
C LYS A 126 25.22 7.89 -9.03
N TYR A 127 26.46 8.09 -9.47
CA TYR A 127 26.84 9.30 -10.21
C TYR A 127 26.57 9.22 -11.69
N PHE A 128 26.13 8.07 -12.22
CA PHE A 128 25.90 7.96 -13.66
C PHE A 128 24.88 8.97 -14.19
N PRO A 129 23.71 9.18 -13.57
CA PRO A 129 22.71 10.07 -14.18
C PRO A 129 23.09 11.53 -14.20
N TYR A 130 24.00 11.98 -13.34
CA TYR A 130 24.46 13.36 -13.42
C TYR A 130 25.45 13.55 -14.56
N LEU A 131 26.26 12.52 -14.85
CA LEU A 131 27.23 12.59 -15.93
C LEU A 131 26.53 12.81 -17.27
N VAL A 132 25.73 11.83 -17.70
CA VAL A 132 25.02 11.96 -18.95
C VAL A 132 23.73 12.70 -18.66
N TYR A 280 38.53 6.29 -18.53
CA TYR A 280 38.45 6.01 -17.10
C TYR A 280 37.37 4.99 -16.80
N ASN A 281 36.48 4.76 -17.78
CA ASN A 281 35.38 3.82 -17.60
C ASN A 281 35.78 2.37 -17.88
N SER A 282 36.99 2.15 -18.41
CA SER A 282 37.42 0.78 -18.69
C SER A 282 37.46 -0.07 -17.44
N ALA A 283 37.99 0.48 -16.34
CA ALA A 283 37.95 -0.23 -15.07
C ALA A 283 36.58 -0.16 -14.43
N LEU A 284 35.82 0.91 -14.70
CA LEU A 284 34.49 1.05 -14.12
C LEU A 284 33.53 -0.02 -14.61
N VAL A 285 33.65 -0.44 -15.87
CA VAL A 285 32.72 -1.42 -16.42
C VAL A 285 32.85 -2.76 -15.68
N SER A 286 34.09 -3.20 -15.46
CA SER A 286 34.33 -4.44 -14.72
C SER A 286 34.31 -4.23 -13.21
N LYS A 287 34.22 -2.99 -12.75
CA LYS A 287 34.25 -2.72 -11.31
C LYS A 287 33.02 -3.28 -10.61
N VAL A 288 31.84 -2.96 -11.13
CA VAL A 288 30.60 -3.28 -10.45
C VAL A 288 30.07 -4.62 -10.92
N GLN A 289 29.65 -5.44 -9.96
CA GLN A 289 29.03 -6.74 -10.24
C GLN A 289 27.60 -6.73 -9.73
N PHE A 290 26.85 -7.78 -10.05
CA PHE A 290 25.44 -7.84 -9.68
C PHE A 290 25.28 -7.99 -8.17
N THR A 291 25.78 -9.10 -7.62
CA THR A 291 25.66 -9.34 -6.19
C THR A 291 26.89 -8.83 -5.45
N VAL A 292 26.66 -8.29 -4.26
CA VAL A 292 27.72 -7.68 -3.46
C VAL A 292 27.63 -8.19 -2.04
N ASP A 293 28.72 -8.03 -1.30
CA ASP A 293 28.78 -8.29 0.13
C ASP A 293 29.24 -7.02 0.85
N CYS A 294 28.56 -6.68 1.93
CA CYS A 294 28.94 -5.53 2.74
C CYS A 294 29.10 -5.96 4.20
N ASN A 295 30.22 -5.58 4.81
CA ASN A 295 30.45 -5.81 6.22
C ASN A 295 30.05 -4.55 6.98
N VAL A 296 28.77 -4.22 6.90
CA VAL A 296 28.22 -3.05 7.56
C VAL A 296 28.26 -3.25 9.06
N ASP A 297 28.81 -2.26 9.78
CA ASP A 297 29.04 -2.39 11.22
C ASP A 297 27.77 -2.06 12.01
N ILE A 298 26.75 -2.91 11.81
CA ILE A 298 25.53 -2.83 12.60
C ILE A 298 25.42 -3.96 13.61
N GLN A 299 26.55 -4.52 14.04
CA GLN A 299 26.54 -5.46 15.15
C GLN A 299 26.05 -4.75 16.40
N ASP A 300 25.16 -5.41 17.15
CA ASP A 300 24.40 -4.86 18.26
C ASP A 300 23.39 -3.81 17.79
N MET A 301 23.33 -3.52 16.49
CA MET A 301 22.33 -2.65 15.90
C MET A 301 21.24 -3.44 15.19
N THR A 302 21.63 -4.40 14.36
CA THR A 302 20.71 -5.36 13.76
C THR A 302 21.07 -6.80 14.06
N GLY A 303 22.20 -7.06 14.71
CA GLY A 303 22.62 -8.40 15.07
C GLY A 303 23.57 -9.06 14.10
N TYR A 304 23.90 -8.42 12.98
CA TYR A 304 24.79 -9.01 11.98
C TYR A 304 25.67 -7.92 11.38
N LYS A 305 26.78 -8.35 10.79
CA LYS A 305 27.67 -7.44 10.08
C LYS A 305 27.78 -7.77 8.60
N ASN A 306 27.92 -9.05 8.26
CA ASN A 306 28.06 -9.48 6.87
C ASN A 306 26.69 -9.61 6.23
N PHE A 307 26.49 -8.94 5.10
CA PHE A 307 25.22 -8.97 4.39
C PHE A 307 25.48 -9.16 2.90
N SER A 308 24.79 -10.13 2.32
CA SER A 308 24.77 -10.34 0.88
C SER A 308 23.60 -9.58 0.30
N CYS A 309 23.85 -8.83 -0.77
CA CYS A 309 22.85 -7.93 -1.34
C CYS A 309 22.86 -8.02 -2.86
N ASN A 310 21.74 -7.62 -3.44
CA ASN A 310 21.65 -7.57 -4.90
C ASN A 310 20.67 -6.48 -5.31
N HIS A 311 20.79 -6.07 -6.57
CA HIS A 311 19.98 -5.01 -7.14
C HIS A 311 19.77 -5.29 -8.62
N THR A 312 18.50 -5.19 -9.06
CA THR A 312 18.11 -5.64 -10.39
C THR A 312 18.73 -4.81 -11.51
N MET A 313 18.84 -3.51 -11.32
CA MET A 313 19.35 -2.65 -12.39
C MET A 313 20.86 -2.75 -12.54
N ALA A 314 21.54 -3.64 -11.82
CA ALA A 314 22.98 -3.84 -12.00
C ALA A 314 23.29 -4.24 -13.44
N HIS A 315 22.73 -5.36 -13.88
CA HIS A 315 22.98 -5.82 -15.24
C HIS A 315 22.37 -4.87 -16.28
N LEU A 316 21.25 -4.23 -15.93
CA LEU A 316 20.64 -3.28 -16.86
C LEU A 316 21.59 -2.12 -17.15
N PHE A 317 22.13 -1.51 -16.10
CA PHE A 317 23.09 -0.43 -16.29
C PHE A 317 24.39 -0.93 -16.88
N SER A 318 24.78 -2.17 -16.60
CA SER A 318 25.97 -2.71 -17.23
C SER A 318 25.79 -2.80 -18.74
N LYS A 319 24.63 -3.29 -19.20
CA LYS A 319 24.36 -3.34 -20.63
C LYS A 319 24.25 -1.94 -21.22
N LEU A 320 23.56 -1.04 -20.52
CA LEU A 320 23.46 0.35 -20.96
C LEU A 320 24.84 0.96 -21.16
N SER A 321 25.74 0.73 -20.20
CA SER A 321 27.07 1.31 -20.25
C SER A 321 27.90 0.66 -21.34
N PHE A 322 27.77 -0.65 -21.54
CA PHE A 322 28.47 -1.28 -22.64
C PHE A 322 28.00 -0.71 -23.97
N CYS A 323 26.70 -0.46 -24.10
CA CYS A 323 26.20 0.30 -25.23
C CYS A 323 26.68 1.75 -25.18
N TYR A 324 26.67 2.35 -23.99
CA TYR A 324 27.13 3.72 -23.83
C TYR A 324 28.65 3.76 -23.74
N ILE B 39 17.97 24.61 -8.73
CA ILE B 39 18.31 23.45 -7.94
C ILE B 39 17.40 23.37 -6.72
N GLY B 40 17.12 24.51 -6.12
CA GLY B 40 16.32 24.54 -4.91
C GLY B 40 14.92 24.03 -5.11
N VAL B 41 14.34 24.29 -6.28
CA VAL B 41 13.05 23.71 -6.62
C VAL B 41 13.16 22.19 -6.67
N PHE B 42 14.17 21.68 -7.37
CA PHE B 42 14.43 20.24 -7.35
C PHE B 42 14.65 19.76 -5.93
N GLY B 43 15.34 20.56 -5.11
CA GLY B 43 15.57 20.19 -3.73
C GLY B 43 14.29 20.03 -2.94
N CYS B 44 13.31 20.91 -3.16
CA CYS B 44 12.04 20.77 -2.47
C CYS B 44 11.24 19.60 -3.04
N THR B 45 11.45 19.27 -4.32
CA THR B 45 10.88 18.02 -4.82
C THR B 45 11.41 16.82 -4.06
N LEU B 46 12.73 16.74 -3.84
CA LEU B 46 13.25 15.63 -3.05
C LEU B 46 12.74 15.69 -1.61
N GLN B 47 12.67 16.90 -1.04
CA GLN B 47 12.23 17.03 0.35
C GLN B 47 10.79 16.54 0.52
N VAL B 48 9.92 16.86 -0.43
CA VAL B 48 8.55 16.37 -0.37
C VAL B 48 8.49 14.86 -0.63
N MET B 49 9.28 14.38 -1.60
CA MET B 49 9.15 13.00 -2.04
C MET B 49 9.88 12.02 -1.14
N GLN B 50 11.20 12.14 -1.05
CA GLN B 50 12.04 11.09 -0.46
C GLN B 50 12.86 11.56 0.72
N ASP B 51 12.45 12.61 1.43
CA ASP B 51 13.20 13.07 2.61
C ASP B 51 12.66 12.22 3.77
N LYS B 52 13.25 11.05 3.95
CA LYS B 52 12.90 10.13 5.02
C LYS B 52 14.17 9.67 5.72
N ILE B 53 14.08 9.39 7.02
CA ILE B 53 15.19 8.86 7.78
C ILE B 53 14.74 7.59 8.47
N ILE B 54 15.69 6.74 8.84
CA ILE B 54 15.42 5.49 9.55
C ILE B 54 16.27 5.48 10.82
N CYS B 55 15.63 5.11 11.94
CA CYS B 55 16.25 5.13 13.25
C CYS B 55 16.06 3.80 13.97
N LEU B 56 17.13 3.31 14.58
CA LEU B 56 17.11 2.06 15.36
C LEU B 56 17.72 2.33 16.72
N PRO B 57 17.19 1.72 17.78
CA PRO B 57 17.76 1.94 19.12
C PRO B 57 19.15 1.35 19.28
N LYS B 58 19.94 1.98 20.14
CA LYS B 58 21.36 1.64 20.31
C LYS B 58 21.60 0.78 21.55
N ARG B 59 21.25 1.27 22.73
CA ARG B 59 21.52 0.55 23.96
C ARG B 59 20.60 -0.66 24.09
N VAL B 60 21.17 -1.81 24.44
CA VAL B 60 20.41 -3.05 24.51
C VAL B 60 20.24 -3.50 25.96
N LEU B 100 17.59 -9.37 15.35
CA LEU B 100 17.45 -8.45 16.47
C LEU B 100 16.15 -7.66 16.40
N LYS B 101 15.09 -8.23 16.97
CA LYS B 101 13.80 -7.55 17.00
C LYS B 101 13.78 -6.51 18.12
N THR B 102 13.08 -5.40 17.87
CA THR B 102 12.96 -4.32 18.84
C THR B 102 11.54 -4.12 19.33
N ASP B 103 10.59 -4.95 18.87
CA ASP B 103 9.17 -4.89 19.20
C ASP B 103 8.62 -3.46 19.20
N LEU B 104 8.95 -2.68 18.18
CA LEU B 104 8.35 -1.37 17.94
C LEU B 104 7.51 -1.43 16.67
N ASP B 105 6.30 -0.89 16.75
CA ASP B 105 5.38 -0.90 15.62
C ASP B 105 5.76 0.20 14.61
N LEU B 106 5.04 0.22 13.49
CA LEU B 106 5.32 1.19 12.44
C LEU B 106 5.04 2.61 12.91
N GLN B 107 3.99 2.80 13.71
CA GLN B 107 3.68 4.12 14.22
C GLN B 107 4.81 4.64 15.11
N GLN B 108 5.32 3.78 16.00
CA GLN B 108 6.44 4.17 16.86
C GLN B 108 7.70 4.43 16.03
N TYR B 109 7.93 3.63 15.00
CA TYR B 109 9.07 3.85 14.13
C TYR B 109 8.99 5.21 13.46
N SER B 110 7.82 5.56 12.93
CA SER B 110 7.65 6.85 12.27
C SER B 110 7.81 8.00 13.26
N PHE B 111 7.30 7.84 14.47
CA PHE B 111 7.43 8.90 15.48
C PHE B 111 8.89 9.10 15.85
N ILE B 112 9.64 8.01 16.04
CA ILE B 112 11.06 8.13 16.36
C ILE B 112 11.80 8.77 15.19
N ASN B 113 11.45 8.39 13.96
CA ASN B 113 12.06 8.99 12.78
C ASN B 113 11.84 10.49 12.75
N GLN B 114 10.60 10.92 13.01
CA GLN B 114 10.32 12.36 13.00
C GLN B 114 11.09 13.08 14.10
N MET B 115 11.13 12.50 15.30
CA MET B 115 11.84 13.13 16.41
C MET B 115 13.31 13.33 16.05
N CYS B 116 13.96 12.28 15.56
CA CYS B 116 15.40 12.35 15.33
C CYS B 116 15.70 13.16 14.09
N TYR B 117 14.79 13.19 13.12
CA TYR B 117 14.94 14.09 11.98
C TYR B 117 14.89 15.54 12.43
N GLU B 118 14.03 15.86 13.41
CA GLU B 118 13.98 17.22 13.91
C GLU B 118 15.22 17.57 14.72
N ARG B 119 15.63 16.69 15.63
CA ARG B 119 16.66 17.09 16.59
C ARG B 119 18.07 16.83 16.07
N ALA B 120 18.26 15.74 15.31
CA ALA B 120 19.62 15.36 14.93
C ALA B 120 20.02 15.98 13.59
N LEU B 121 19.13 15.94 12.60
CA LEU B 121 19.45 16.50 11.29
C LEU B 121 19.59 18.01 11.38
N HIS B 122 20.65 18.53 10.77
CA HIS B 122 20.93 19.95 10.85
C HIS B 122 19.92 20.76 10.04
N TRP B 123 19.66 21.97 10.50
CA TRP B 123 18.62 22.80 9.88
C TRP B 123 18.95 23.15 8.44
N TYR B 124 20.22 23.02 8.03
CA TYR B 124 20.56 23.33 6.64
C TYR B 124 19.91 22.33 5.69
N ALA B 125 19.90 21.05 6.06
CA ALA B 125 19.25 20.05 5.21
C ALA B 125 17.80 20.41 4.95
N LYS B 126 17.10 20.94 5.96
CA LYS B 126 15.72 21.34 5.79
C LYS B 126 15.60 22.64 5.00
N TYR B 127 16.46 23.62 5.29
CA TYR B 127 16.30 24.97 4.77
C TYR B 127 16.91 25.18 3.38
N PHE B 128 17.60 24.18 2.84
CA PHE B 128 18.21 24.34 1.52
C PHE B 128 17.22 24.71 0.44
N PRO B 129 16.03 24.09 0.34
CA PRO B 129 15.13 24.41 -0.80
C PRO B 129 14.45 25.78 -0.71
N TYR B 130 14.61 26.52 0.39
CA TYR B 130 14.05 27.87 0.43
C TYR B 130 15.11 28.91 0.09
N LEU B 131 16.38 28.62 0.38
CA LEU B 131 17.47 29.48 -0.06
C LEU B 131 17.57 29.46 -1.58
N VAL B 132 17.82 28.30 -2.16
CA VAL B 132 17.83 28.15 -3.60
C VAL B 132 16.45 27.68 -4.01
N TYR B 280 29.69 31.19 4.47
CA TYR B 280 29.11 30.63 5.68
C TYR B 280 28.90 29.12 5.53
N ASN B 281 28.94 28.64 4.29
CA ASN B 281 28.73 27.23 4.01
C ASN B 281 30.00 26.39 4.14
N SER B 282 31.16 27.02 4.35
CA SER B 282 32.40 26.27 4.44
C SER B 282 32.37 25.27 5.60
N ALA B 283 31.89 25.72 6.76
CA ALA B 283 31.71 24.79 7.88
C ALA B 283 30.47 23.93 7.71
N LEU B 284 29.46 24.45 7.00
CA LEU B 284 28.21 23.72 6.83
C LEU B 284 28.39 22.46 5.98
N VAL B 285 29.30 22.48 5.02
CA VAL B 285 29.49 21.32 4.15
C VAL B 285 30.00 20.14 4.96
N SER B 286 30.99 20.37 5.83
CA SER B 286 31.51 19.32 6.69
C SER B 286 30.72 19.17 7.98
N LYS B 287 29.70 20.00 8.19
CA LYS B 287 28.93 19.94 9.43
C LYS B 287 28.20 18.59 9.56
N VAL B 288 27.44 18.21 8.53
CA VAL B 288 26.58 17.05 8.62
C VAL B 288 27.32 15.82 8.10
N GLN B 289 26.87 14.64 8.56
CA GLN B 289 27.40 13.37 8.08
C GLN B 289 26.22 12.48 7.72
N PHE B 290 26.53 11.36 7.06
CA PHE B 290 25.49 10.43 6.61
C PHE B 290 24.75 9.84 7.80
N THR B 291 25.46 9.07 8.63
CA THR B 291 24.85 8.46 9.80
C THR B 291 25.01 9.36 11.02
N VAL B 292 23.95 9.44 11.82
CA VAL B 292 23.92 10.35 12.96
C VAL B 292 23.43 9.60 14.19
N ASP B 293 23.75 10.13 15.36
CA ASP B 293 23.25 9.63 16.63
C ASP B 293 22.30 10.67 17.21
N CYS B 294 21.19 10.20 17.77
CA CYS B 294 20.16 11.06 18.33
C CYS B 294 19.73 10.51 19.69
N ASN B 295 19.84 11.35 20.71
CA ASN B 295 19.55 10.95 22.09
C ASN B 295 18.27 11.66 22.52
N VAL B 296 17.15 11.03 22.20
CA VAL B 296 15.83 11.64 22.39
C VAL B 296 15.15 11.05 23.62
N ASP B 297 14.50 11.91 24.39
CA ASP B 297 13.91 11.53 25.68
C ASP B 297 12.50 10.97 25.49
N ILE B 298 12.43 9.82 24.82
CA ILE B 298 11.18 9.06 24.76
C ILE B 298 11.27 7.78 25.58
N GLN B 299 12.10 7.76 26.62
CA GLN B 299 12.09 6.65 27.56
C GLN B 299 10.73 6.57 28.24
N ASP B 300 10.21 5.35 28.37
CA ASP B 300 8.85 5.03 28.80
C ASP B 300 7.82 5.48 27.77
N MET B 301 8.25 5.99 26.62
CA MET B 301 7.38 6.29 25.48
C MET B 301 7.54 5.28 24.36
N THR B 302 8.78 4.93 24.01
CA THR B 302 9.08 3.84 23.09
C THR B 302 10.06 2.83 23.67
N GLY B 303 10.65 3.11 24.83
CA GLY B 303 11.51 2.16 25.50
C GLY B 303 13.00 2.40 25.34
N TYR B 304 13.41 3.37 24.52
CA TYR B 304 14.83 3.65 24.31
C TYR B 304 15.03 5.15 24.19
N LYS B 305 16.26 5.59 24.45
CA LYS B 305 16.64 6.99 24.33
C LYS B 305 17.65 7.22 23.22
N ASN B 306 18.68 6.38 23.14
CA ASN B 306 19.72 6.53 22.12
C ASN B 306 19.30 5.79 20.85
N PHE B 307 19.45 6.46 19.70
CA PHE B 307 19.09 5.87 18.42
C PHE B 307 20.15 6.25 17.40
N SER B 308 20.45 5.33 16.50
CA SER B 308 21.28 5.60 15.33
C SER B 308 20.36 5.75 14.12
N CYS B 309 20.57 6.80 13.35
CA CYS B 309 19.70 7.11 12.22
C CYS B 309 20.52 7.39 10.97
N ASN B 310 19.87 7.19 9.84
CA ASN B 310 20.48 7.48 8.55
C ASN B 310 19.39 7.89 7.57
N HIS B 311 19.79 8.67 6.57
CA HIS B 311 18.86 9.11 5.53
C HIS B 311 19.54 9.05 4.18
N THR B 312 18.76 8.67 3.16
CA THR B 312 19.29 8.38 1.83
C THR B 312 19.96 9.59 1.19
N MET B 313 19.39 10.79 1.35
CA MET B 313 19.83 11.93 0.57
C MET B 313 21.01 12.67 1.21
N ALA B 314 21.62 12.12 2.25
CA ALA B 314 22.76 12.80 2.88
C ALA B 314 23.91 12.97 1.89
N HIS B 315 24.34 11.86 1.28
CA HIS B 315 25.44 11.92 0.33
C HIS B 315 25.03 12.66 -0.94
N LEU B 316 23.78 12.48 -1.37
CA LEU B 316 23.32 13.16 -2.58
C LEU B 316 23.35 14.67 -2.41
N PHE B 317 22.84 15.16 -1.27
CA PHE B 317 22.86 16.59 -1.02
C PHE B 317 24.26 17.10 -0.71
N SER B 318 25.12 16.27 -0.12
CA SER B 318 26.51 16.69 0.06
C SER B 318 27.19 16.89 -1.29
N LYS B 319 26.97 15.96 -2.23
CA LYS B 319 27.53 16.12 -3.57
C LYS B 319 26.93 17.33 -4.28
N LEU B 320 25.61 17.50 -4.18
CA LEU B 320 24.95 18.67 -4.76
C LEU B 320 25.57 19.95 -4.23
N SER B 321 25.75 20.05 -2.91
CA SER B 321 26.31 21.25 -2.30
C SER B 321 27.75 21.47 -2.72
N PHE B 322 28.54 20.39 -2.80
CA PHE B 322 29.92 20.56 -3.26
C PHE B 322 29.94 21.07 -4.69
N CYS B 323 29.04 20.56 -5.53
CA CYS B 323 28.85 21.15 -6.85
C CYS B 323 28.29 22.56 -6.74
N TYR B 324 27.35 22.77 -5.82
CA TYR B 324 26.80 24.09 -5.58
C TYR B 324 27.81 24.94 -4.82
N ILE C 39 0.49 31.53 -0.52
CA ILE C 39 1.03 30.61 0.47
C ILE C 39 -0.08 29.73 1.03
N GLY C 40 -1.25 30.33 1.24
CA GLY C 40 -2.37 29.60 1.79
C GLY C 40 -2.82 28.45 0.92
N VAL C 41 -2.75 28.63 -0.41
CA VAL C 41 -2.99 27.51 -1.31
C VAL C 41 -1.96 26.41 -1.09
N PHE C 42 -0.68 26.79 -1.01
CA PHE C 42 0.35 25.81 -0.69
C PHE C 42 0.09 25.19 0.68
N GLY C 43 -0.33 26.01 1.65
CA GLY C 43 -0.64 25.50 2.97
C GLY C 43 -1.72 24.44 2.95
N CYS C 44 -2.76 24.64 2.13
CA CYS C 44 -3.81 23.63 2.07
C CYS C 44 -3.35 22.41 1.28
N THR C 45 -2.38 22.57 0.37
CA THR C 45 -1.74 21.39 -0.20
C THR C 45 -1.07 20.55 0.90
N LEU C 46 -0.28 21.18 1.76
CA LEU C 46 0.33 20.42 2.86
C LEU C 46 -0.75 19.84 3.78
N GLN C 47 -1.82 20.59 4.03
CA GLN C 47 -2.87 20.10 4.91
C GLN C 47 -3.54 18.86 4.33
N VAL C 48 -3.76 18.85 3.02
CA VAL C 48 -4.38 17.68 2.39
C VAL C 48 -3.42 16.50 2.36
N MET C 49 -2.16 16.74 1.98
CA MET C 49 -1.24 15.63 1.75
C MET C 49 -0.62 15.10 3.04
N GLN C 50 0.14 15.95 3.75
CA GLN C 50 1.01 15.47 4.82
C GLN C 50 0.66 16.01 6.20
N ASP C 51 -0.59 16.43 6.42
CA ASP C 51 -0.98 16.90 7.75
C ASP C 51 -1.46 15.66 8.49
N LYS C 52 -0.50 14.94 9.07
CA LYS C 52 -0.76 13.76 9.89
C LYS C 52 0.00 13.92 11.19
N ILE C 53 -0.54 13.36 12.28
CA ILE C 53 0.12 13.40 13.58
C ILE C 53 0.28 11.97 14.09
N ILE C 54 1.20 11.80 15.03
CA ILE C 54 1.49 10.52 15.65
C ILE C 54 1.34 10.66 17.16
N CYS C 55 0.64 9.70 17.78
CA CYS C 55 0.34 9.73 19.21
C CYS C 55 0.72 8.40 19.85
N LEU C 56 1.34 8.50 21.04
CA LEU C 56 1.63 7.31 21.86
C LEU C 56 1.24 7.58 23.31
N PRO C 57 0.74 6.57 24.02
CA PRO C 57 0.34 6.78 25.43
C PRO C 57 1.53 7.00 26.34
N LYS C 58 1.27 7.70 27.45
CA LYS C 58 2.32 8.12 28.37
C LYS C 58 2.37 7.27 29.65
N ARG C 59 1.25 7.18 30.37
CA ARG C 59 1.23 6.43 31.63
C ARG C 59 1.24 4.94 31.35
N VAL C 60 2.10 4.20 32.06
CA VAL C 60 2.25 2.77 31.82
C VAL C 60 1.75 1.95 33.01
N LEU C 100 8.91 -1.41 23.44
CA LEU C 100 7.72 -1.04 24.18
C LEU C 100 6.47 -1.14 23.32
N LYS C 101 5.87 -2.32 23.29
CA LYS C 101 4.64 -2.52 22.54
C LYS C 101 3.45 -1.99 23.30
N THR C 102 2.47 -1.45 22.58
CA THR C 102 1.27 -0.88 23.18
C THR C 102 0.02 -1.67 22.82
N ASP C 103 0.16 -2.77 22.07
CA ASP C 103 -0.94 -3.63 21.62
C ASP C 103 -2.16 -2.85 21.13
N LEU C 104 -1.93 -1.80 20.34
CA LEU C 104 -2.99 -1.08 19.63
C LEU C 104 -2.83 -1.28 18.13
N ASP C 105 -3.94 -1.58 17.47
CA ASP C 105 -3.93 -1.78 16.03
C ASP C 105 -3.87 -0.45 15.29
N LEU C 106 -3.69 -0.52 13.97
CA LEU C 106 -3.56 0.69 13.17
C LEU C 106 -4.84 1.52 13.18
N GLN C 107 -5.99 0.86 13.23
CA GLN C 107 -7.25 1.58 13.33
C GLN C 107 -7.32 2.39 14.62
N GLN C 108 -6.92 1.77 15.74
CA GLN C 108 -6.89 2.49 17.01
C GLN C 108 -5.88 3.62 16.97
N TYR C 109 -4.72 3.40 16.32
CA TYR C 109 -3.73 4.45 16.20
C TYR C 109 -4.30 5.64 15.44
N SER C 110 -4.97 5.40 14.32
CA SER C 110 -5.55 6.49 13.55
C SER C 110 -6.64 7.20 14.34
N PHE C 111 -7.46 6.44 15.07
CA PHE C 111 -8.52 7.03 15.89
C PHE C 111 -7.92 7.95 16.95
N ILE C 112 -6.88 7.49 17.64
CA ILE C 112 -6.23 8.30 18.66
C ILE C 112 -5.61 9.54 18.03
N ASN C 113 -4.96 9.37 16.89
CA ASN C 113 -4.35 10.50 16.20
C ASN C 113 -5.38 11.57 15.88
N GLN C 114 -6.53 11.15 15.32
CA GLN C 114 -7.51 12.15 14.90
C GLN C 114 -8.16 12.79 16.12
N MET C 115 -8.40 12.02 17.17
CA MET C 115 -8.93 12.59 18.41
C MET C 115 -8.01 13.69 18.94
N CYS C 116 -6.71 13.39 19.06
CA CYS C 116 -5.80 14.38 19.62
C CYS C 116 -5.61 15.56 18.66
N TYR C 117 -5.66 15.31 17.35
CA TYR C 117 -5.58 16.39 16.39
C TYR C 117 -6.77 17.34 16.54
N GLU C 118 -7.95 16.78 16.77
CA GLU C 118 -9.14 17.61 16.94
C GLU C 118 -9.10 18.39 18.25
N ARG C 119 -8.60 17.77 19.32
CA ARG C 119 -8.70 18.42 20.62
C ARG C 119 -7.45 19.23 20.96
N ALA C 120 -6.27 18.69 20.65
CA ALA C 120 -5.04 19.30 21.17
C ALA C 120 -4.50 20.37 20.24
N LEU C 121 -4.35 20.06 18.95
CA LEU C 121 -3.73 21.01 18.03
C LEU C 121 -4.57 22.27 17.92
N HIS C 122 -3.88 23.41 17.99
CA HIS C 122 -4.56 24.70 18.04
C HIS C 122 -5.28 24.98 16.72
N TRP C 123 -6.39 25.72 16.81
CA TRP C 123 -7.22 25.98 15.64
C TRP C 123 -6.47 26.78 14.58
N TYR C 124 -5.38 27.46 14.95
CA TYR C 124 -4.61 28.19 13.95
C TYR C 124 -3.98 27.23 12.95
N ALA C 125 -3.50 26.08 13.41
CA ALA C 125 -2.87 25.12 12.50
C ALA C 125 -3.82 24.72 11.39
N LYS C 126 -5.08 24.43 11.72
CA LYS C 126 -6.05 24.05 10.70
C LYS C 126 -6.53 25.25 9.89
N TYR C 127 -6.74 26.39 10.53
CA TYR C 127 -7.36 27.53 9.87
C TYR C 127 -6.38 28.39 9.08
N PHE C 128 -5.08 28.08 9.13
CA PHE C 128 -4.10 28.89 8.40
C PHE C 128 -4.36 28.94 6.90
N PRO C 129 -4.63 27.83 6.19
CA PRO C 129 -4.79 27.92 4.73
C PRO C 129 -6.11 28.53 4.27
N TYR C 130 -6.95 29.01 5.19
CA TYR C 130 -8.17 29.69 4.78
C TYR C 130 -7.99 31.21 4.79
N LEU C 131 -7.30 31.73 5.79
CA LEU C 131 -6.91 33.14 5.79
C LEU C 131 -6.07 33.48 4.56
N VAL C 132 -4.94 32.82 4.41
CA VAL C 132 -4.12 33.00 3.23
C VAL C 132 -4.59 31.99 2.20
N TYR C 280 -2.68 39.89 15.96
CA TYR C 280 -3.25 38.76 16.69
C TYR C 280 -2.37 37.53 16.57
N ASN C 281 -1.45 37.56 15.59
CA ASN C 281 -0.55 36.43 15.36
C ASN C 281 0.67 36.47 16.26
N SER C 282 0.91 37.57 16.97
CA SER C 282 2.08 37.64 17.84
C SER C 282 2.04 36.58 18.93
N ALA C 283 0.88 36.38 19.55
CA ALA C 283 0.72 35.29 20.50
C ALA C 283 0.59 33.95 19.79
N LEU C 284 0.07 33.95 18.56
CA LEU C 284 -0.12 32.69 17.84
C LEU C 284 1.20 32.04 17.47
N VAL C 285 2.24 32.82 17.18
CA VAL C 285 3.52 32.25 16.78
C VAL C 285 4.11 31.41 17.90
N SER C 286 4.09 31.92 19.12
CA SER C 286 4.57 31.17 20.27
C SER C 286 3.50 30.29 20.90
N LYS C 287 2.27 30.33 20.38
CA LYS C 287 1.19 29.57 20.97
C LYS C 287 1.44 28.06 20.87
N VAL C 288 1.74 27.58 19.66
CA VAL C 288 1.85 26.15 19.42
C VAL C 288 3.31 25.72 19.55
N GLN C 289 3.50 24.43 19.80
CA GLN C 289 4.82 23.82 19.85
C GLN C 289 4.79 22.54 19.04
N PHE C 290 5.96 21.97 18.78
CA PHE C 290 6.03 20.75 17.97
C PHE C 290 5.36 19.58 18.67
N THR C 291 5.89 19.17 19.81
CA THR C 291 5.30 18.08 20.56
C THR C 291 4.24 18.60 21.53
N VAL C 292 3.19 17.81 21.71
CA VAL C 292 2.08 18.18 22.57
C VAL C 292 1.72 17.01 23.46
N ASP C 293 1.09 17.32 24.59
CA ASP C 293 0.51 16.33 25.48
C ASP C 293 -0.99 16.56 25.53
N CYS C 294 -1.77 15.52 25.26
CA CYS C 294 -3.22 15.62 25.23
C CYS C 294 -3.83 14.48 26.03
N ASN C 295 -4.76 14.82 26.91
CA ASN C 295 -5.35 13.86 27.84
C ASN C 295 -6.74 13.51 27.32
N VAL C 296 -6.77 12.65 26.30
CA VAL C 296 -8.00 12.31 25.61
C VAL C 296 -8.74 11.20 26.37
N ASP C 297 -10.03 11.42 26.60
CA ASP C 297 -10.84 10.53 27.44
C ASP C 297 -11.29 9.29 26.66
N ILE C 298 -10.31 8.45 26.31
CA ILE C 298 -10.61 7.14 25.76
C ILE C 298 -10.17 6.02 26.70
N GLN C 299 -10.25 6.24 28.01
CA GLN C 299 -10.06 5.15 28.96
C GLN C 299 -11.20 4.15 28.81
N ASP C 300 -10.87 2.87 28.93
CA ASP C 300 -11.76 1.76 28.61
C ASP C 300 -12.15 1.74 27.13
N MET C 301 -11.53 2.60 26.32
CA MET C 301 -11.76 2.68 24.89
C MET C 301 -10.52 2.27 24.10
N THR C 302 -9.35 2.80 24.46
CA THR C 302 -8.07 2.28 23.98
C THR C 302 -7.13 1.90 25.11
N GLY C 303 -7.51 2.11 26.36
CA GLY C 303 -6.71 1.73 27.50
C GLY C 303 -5.85 2.82 28.08
N TYR C 304 -5.82 4.01 27.47
CA TYR C 304 -5.00 5.11 27.98
C TYR C 304 -5.74 6.42 27.77
N LYS C 305 -5.38 7.42 28.58
CA LYS C 305 -5.92 8.77 28.44
C LYS C 305 -4.87 9.78 28.02
N ASN C 306 -3.68 9.73 28.61
CA ASN C 306 -2.61 10.67 28.30
C ASN C 306 -1.84 10.19 27.08
N PHE C 307 -1.61 11.09 26.13
CA PHE C 307 -0.90 10.75 24.91
C PHE C 307 0.04 11.89 24.54
N SER C 308 1.28 11.55 24.20
CA SER C 308 2.23 12.48 23.63
C SER C 308 2.16 12.36 22.12
N CYS C 309 2.07 13.50 21.44
CA CYS C 309 1.84 13.51 20.00
C CYS C 309 2.72 14.54 19.32
N ASN C 310 2.90 14.35 18.02
CA ASN C 310 3.70 15.25 17.21
C ASN C 310 3.09 15.31 15.81
N HIS C 311 3.42 16.38 15.08
CA HIS C 311 3.09 16.46 13.67
C HIS C 311 4.20 17.18 12.94
N THR C 312 4.55 16.67 11.76
CA THR C 312 5.75 17.08 11.05
C THR C 312 5.69 18.54 10.59
N MET C 313 4.50 19.08 10.36
CA MET C 313 4.38 20.44 9.84
C MET C 313 4.55 21.51 10.91
N ALA C 314 4.89 21.14 12.14
CA ALA C 314 4.98 22.11 13.22
C ALA C 314 6.10 23.11 12.97
N HIS C 315 7.35 22.63 12.90
CA HIS C 315 8.47 23.52 12.67
C HIS C 315 8.40 24.16 11.30
N LEU C 316 7.92 23.40 10.30
CA LEU C 316 7.81 23.92 8.95
C LEU C 316 6.87 25.13 8.91
N PHE C 317 5.68 24.98 9.50
CA PHE C 317 4.72 26.06 9.49
C PHE C 317 5.12 27.19 10.43
N SER C 318 5.88 26.88 11.49
CA SER C 318 6.40 27.94 12.34
C SER C 318 7.39 28.80 11.57
N LYS C 319 8.27 28.18 10.79
CA LYS C 319 9.19 28.95 9.95
C LYS C 319 8.42 29.72 8.88
N LEU C 320 7.44 29.09 8.25
CA LEU C 320 6.61 29.77 7.26
C LEU C 320 5.93 30.99 7.85
N SER C 321 5.40 30.86 9.07
CA SER C 321 4.68 31.94 9.70
C SER C 321 5.62 33.05 10.14
N PHE C 322 6.80 32.69 10.67
CA PHE C 322 7.77 33.73 11.00
C PHE C 322 8.18 34.49 9.75
N CYS C 323 8.30 33.78 8.63
CA CYS C 323 8.46 34.47 7.35
C CYS C 323 7.18 35.20 6.97
N TYR C 324 6.02 34.57 7.14
CA TYR C 324 4.76 35.20 6.79
C TYR C 324 4.25 36.06 7.94
N ILE D 39 -18.51 25.24 -4.02
CA ILE D 39 -18.12 24.59 -2.77
C ILE D 39 -18.55 23.13 -2.79
N GLY D 40 -19.72 22.86 -3.37
CA GLY D 40 -20.21 21.50 -3.43
C GLY D 40 -19.29 20.57 -4.20
N VAL D 41 -18.66 21.09 -5.27
CA VAL D 41 -17.66 20.29 -5.98
C VAL D 41 -16.49 19.98 -5.07
N PHE D 42 -15.99 20.98 -4.34
CA PHE D 42 -14.95 20.74 -3.36
C PHE D 42 -15.44 19.75 -2.30
N GLY D 43 -16.69 19.91 -1.86
CA GLY D 43 -17.24 18.99 -0.88
C GLY D 43 -17.24 17.55 -1.36
N CYS D 44 -17.59 17.31 -2.62
CA CYS D 44 -17.56 15.94 -3.12
C CYS D 44 -16.14 15.46 -3.33
N THR D 45 -15.19 16.39 -3.56
CA THR D 45 -13.79 15.98 -3.53
C THR D 45 -13.40 15.43 -2.16
N LEU D 46 -13.68 16.16 -1.08
CA LEU D 46 -13.37 15.60 0.23
C LEU D 46 -14.18 14.34 0.50
N GLN D 47 -15.38 14.24 -0.09
CA GLN D 47 -16.18 13.05 0.10
C GLN D 47 -15.52 11.82 -0.54
N VAL D 48 -15.00 11.98 -1.76
CA VAL D 48 -14.40 10.82 -2.43
C VAL D 48 -13.06 10.47 -1.80
N MET D 49 -12.23 11.47 -1.50
CA MET D 49 -10.89 11.16 -0.99
C MET D 49 -10.89 10.86 0.50
N GLN D 50 -11.26 11.84 1.32
CA GLN D 50 -10.96 11.79 2.75
C GLN D 50 -12.16 11.51 3.64
N ASP D 51 -13.33 11.22 3.08
CA ASP D 51 -14.52 11.01 3.91
C ASP D 51 -14.42 9.58 4.43
N LYS D 52 -13.70 9.42 5.54
CA LYS D 52 -13.58 8.14 6.23
C LYS D 52 -13.87 8.36 7.70
N ILE D 53 -14.54 7.38 8.33
CA ILE D 53 -14.83 7.42 9.75
C ILE D 53 -14.13 6.24 10.42
N ILE D 54 -13.88 6.37 11.71
CA ILE D 54 -13.22 5.34 12.51
C ILE D 54 -14.13 5.00 13.68
N CYS D 55 -14.35 3.70 13.90
CA CYS D 55 -15.24 3.19 14.93
C CYS D 55 -14.51 2.21 15.83
N LEU D 56 -14.79 2.29 17.13
CA LEU D 56 -14.25 1.34 18.10
C LEU D 56 -15.35 0.93 19.07
N PRO D 57 -15.40 -0.35 19.45
CA PRO D 57 -16.45 -0.81 20.37
C PRO D 57 -16.30 -0.22 21.77
N LYS D 58 -17.43 -0.10 22.46
CA LYS D 58 -17.50 0.57 23.75
C LYS D 58 -17.58 -0.41 24.93
N ARG D 59 -18.59 -1.27 24.95
CA ARG D 59 -18.80 -2.15 26.10
C ARG D 59 -17.74 -3.25 26.11
N VAL D 60 -17.17 -3.50 27.29
CA VAL D 60 -16.10 -4.48 27.45
C VAL D 60 -16.56 -5.71 28.21
N LEU D 100 -5.30 -1.83 24.67
CA LEU D 100 -6.59 -2.49 24.62
C LEU D 100 -6.86 -3.06 23.23
N LYS D 101 -6.43 -4.30 23.01
CA LYS D 101 -6.70 -4.96 21.74
C LYS D 101 -8.15 -5.40 21.66
N THR D 102 -8.71 -5.34 20.45
CA THR D 102 -10.10 -5.71 20.20
C THR D 102 -10.23 -6.95 19.32
N ASP D 103 -9.12 -7.54 18.89
CA ASP D 103 -9.05 -8.71 18.02
C ASP D 103 -10.05 -8.66 16.87
N LEU D 104 -10.17 -7.51 16.22
CA LEU D 104 -10.92 -7.37 14.98
C LEU D 104 -9.97 -7.07 13.83
N ASP D 105 -10.14 -7.79 12.72
CA ASP D 105 -9.29 -7.61 11.55
C ASP D 105 -9.67 -6.33 10.82
N LEU D 106 -8.85 -5.98 9.83
CA LEU D 106 -9.09 -4.75 9.07
C LEU D 106 -10.38 -4.82 8.29
N GLN D 107 -10.74 -6.01 7.79
CA GLN D 107 -12.01 -6.15 7.08
C GLN D 107 -13.18 -5.87 8.02
N GLN D 108 -13.14 -6.41 9.24
CA GLN D 108 -14.19 -6.14 10.21
C GLN D 108 -14.23 -4.67 10.59
N TYR D 109 -13.05 -4.05 10.73
CA TYR D 109 -13.01 -2.62 11.05
C TYR D 109 -13.66 -1.80 9.95
N SER D 110 -13.35 -2.10 8.69
CA SER D 110 -13.96 -1.36 7.58
C SER D 110 -15.46 -1.61 7.51
N PHE D 111 -15.88 -2.84 7.76
CA PHE D 111 -17.31 -3.16 7.76
C PHE D 111 -18.04 -2.36 8.82
N ILE D 112 -17.49 -2.31 10.03
CA ILE D 112 -18.10 -1.54 11.11
C ILE D 112 -18.11 -0.05 10.75
N ASN D 113 -17.03 0.43 10.15
CA ASN D 113 -16.96 1.84 9.76
C ASN D 113 -18.07 2.19 8.79
N GLN D 114 -18.25 1.37 7.75
CA GLN D 114 -19.27 1.71 6.76
C GLN D 114 -20.68 1.53 7.32
N MET D 115 -20.88 0.52 8.17
CA MET D 115 -22.18 0.33 8.81
C MET D 115 -22.56 1.55 9.63
N CYS D 116 -21.65 2.02 10.48
CA CYS D 116 -21.97 3.16 11.34
C CYS D 116 -22.02 4.46 10.55
N TYR D 117 -21.26 4.56 9.46
CA TYR D 117 -21.37 5.70 8.57
C TYR D 117 -22.76 5.77 7.95
N GLU D 118 -23.27 4.63 7.48
CA GLU D 118 -24.61 4.60 6.91
C GLU D 118 -25.66 4.88 7.98
N ARG D 119 -25.46 4.38 9.20
CA ARG D 119 -26.50 4.50 10.21
C ARG D 119 -26.36 5.79 11.02
N ALA D 120 -25.23 5.97 11.70
CA ALA D 120 -25.12 7.05 12.68
C ALA D 120 -25.01 8.42 12.03
N LEU D 121 -24.17 8.54 11.01
CA LEU D 121 -23.87 9.86 10.47
C LEU D 121 -25.08 10.44 9.76
N HIS D 122 -25.38 11.70 10.08
CA HIS D 122 -26.60 12.33 9.60
C HIS D 122 -26.54 12.57 8.10
N TRP D 123 -27.72 12.54 7.46
CA TRP D 123 -27.78 12.60 6.00
C TRP D 123 -27.24 13.91 5.44
N TYR D 124 -27.08 14.94 6.27
CA TYR D 124 -26.47 16.17 5.77
C TYR D 124 -25.03 15.94 5.33
N ALA D 125 -24.28 15.15 6.10
CA ALA D 125 -22.88 14.90 5.76
C ALA D 125 -22.75 14.29 4.37
N LYS D 126 -23.64 13.34 4.04
CA LYS D 126 -23.60 12.73 2.72
C LYS D 126 -24.15 13.66 1.65
N TYR D 127 -25.25 14.35 1.93
CA TYR D 127 -25.99 15.07 0.91
C TYR D 127 -25.49 16.49 0.67
N PHE D 128 -24.51 16.96 1.44
CA PHE D 128 -24.02 18.32 1.25
C PHE D 128 -23.47 18.56 -0.16
N PRO D 129 -22.61 17.70 -0.73
CA PRO D 129 -21.98 18.06 -2.01
C PRO D 129 -22.91 18.02 -3.22
N TYR D 130 -24.13 17.50 -3.08
CA TYR D 130 -25.07 17.57 -4.19
C TYR D 130 -25.87 18.87 -4.17
N LEU D 131 -26.10 19.42 -2.97
CA LEU D 131 -26.80 20.69 -2.86
C LEU D 131 -26.01 21.81 -3.52
N VAL D 132 -24.84 22.11 -2.97
CA VAL D 132 -23.94 23.08 -3.60
C VAL D 132 -23.21 22.34 -4.69
N TYR D 280 -33.79 25.99 7.15
CA TYR D 280 -33.84 24.61 7.60
C TYR D 280 -32.49 24.16 8.15
N ASN D 281 -31.45 24.94 7.87
CA ASN D 281 -30.10 24.62 8.32
C ASN D 281 -29.79 25.14 9.72
N SER D 282 -30.68 25.94 10.31
CA SER D 282 -30.39 26.53 11.62
C SER D 282 -30.17 25.46 12.67
N ALA D 283 -31.08 24.49 12.77
CA ALA D 283 -30.88 23.36 13.67
C ALA D 283 -29.91 22.34 13.07
N LEU D 284 -29.81 22.30 11.75
CA LEU D 284 -28.98 21.29 11.10
C LEU D 284 -27.49 21.53 11.36
N VAL D 285 -27.10 22.79 11.58
CA VAL D 285 -25.69 23.08 11.90
C VAL D 285 -25.31 22.47 13.24
N SER D 286 -26.16 22.65 14.24
CA SER D 286 -25.92 22.08 15.57
C SER D 286 -26.36 20.63 15.68
N LYS D 287 -26.94 20.07 14.62
CA LYS D 287 -27.41 18.69 14.67
C LYS D 287 -26.25 17.72 14.88
N VAL D 288 -25.21 17.82 14.06
CA VAL D 288 -24.13 16.85 14.09
C VAL D 288 -23.02 17.34 15.01
N GLN D 289 -22.20 16.39 15.47
CA GLN D 289 -21.05 16.68 16.30
C GLN D 289 -19.86 15.91 15.75
N PHE D 290 -18.70 16.11 16.37
CA PHE D 290 -17.49 15.45 15.90
C PHE D 290 -17.54 13.96 16.16
N THR D 291 -17.64 13.57 17.43
CA THR D 291 -17.76 12.16 17.78
C THR D 291 -19.22 11.76 17.92
N VAL D 292 -19.50 10.50 17.60
CA VAL D 292 -20.86 9.97 17.64
C VAL D 292 -20.82 8.59 18.29
N ASP D 293 -21.97 8.14 18.77
CA ASP D 293 -22.16 6.79 19.28
C ASP D 293 -23.25 6.11 18.47
N CYS D 294 -23.00 4.88 18.04
CA CYS D 294 -23.98 4.11 17.30
C CYS D 294 -24.07 2.70 17.85
N ASN D 295 -25.30 2.26 18.10
CA ASN D 295 -25.57 0.93 18.65
C ASN D 295 -25.99 0.04 17.49
N VAL D 296 -24.99 -0.42 16.73
CA VAL D 296 -25.24 -1.19 15.52
C VAL D 296 -25.42 -2.66 15.87
N ASP D 297 -26.51 -3.26 15.39
CA ASP D 297 -26.90 -4.61 15.78
C ASP D 297 -26.03 -5.65 15.05
N ILE D 298 -24.80 -5.77 15.52
CA ILE D 298 -23.88 -6.78 15.01
C ILE D 298 -23.44 -7.76 16.09
N GLN D 299 -24.33 -8.07 17.04
CA GLN D 299 -24.07 -9.17 17.97
C GLN D 299 -24.00 -10.49 17.21
N ASP D 300 -23.06 -11.34 17.61
CA ASP D 300 -22.68 -12.57 16.94
C ASP D 300 -22.19 -12.31 15.52
N MET D 301 -22.01 -11.04 15.15
CA MET D 301 -21.48 -10.61 13.87
C MET D 301 -20.06 -10.08 14.00
N THR D 302 -19.83 -9.15 14.94
CA THR D 302 -18.50 -8.72 15.32
C THR D 302 -18.24 -8.81 16.82
N GLY D 303 -19.27 -9.07 17.62
CA GLY D 303 -19.12 -9.24 19.05
C GLY D 303 -19.44 -8.03 19.90
N TYR D 304 -19.68 -6.87 19.29
CA TYR D 304 -20.02 -5.66 20.03
C TYR D 304 -21.13 -4.92 19.29
N LYS D 305 -21.92 -4.17 20.04
CA LYS D 305 -22.99 -3.37 19.45
C LYS D 305 -22.72 -1.88 19.54
N ASN D 306 -22.27 -1.39 20.69
CA ASN D 306 -22.03 0.03 20.89
C ASN D 306 -20.66 0.40 20.36
N PHE D 307 -20.62 1.40 19.49
CA PHE D 307 -19.37 1.85 18.88
C PHE D 307 -19.28 3.36 18.94
N SER D 308 -18.14 3.86 19.38
CA SER D 308 -17.83 5.28 19.34
C SER D 308 -17.03 5.55 18.07
N CYS D 309 -17.44 6.57 17.31
CA CYS D 309 -16.87 6.82 15.99
C CYS D 309 -16.62 8.30 15.80
N ASN D 310 -15.72 8.60 14.86
CA ASN D 310 -15.45 9.98 14.49
C ASN D 310 -14.87 10.01 13.09
N HIS D 311 -15.11 11.13 12.39
CA HIS D 311 -14.62 11.31 11.03
C HIS D 311 -13.95 12.67 10.91
N THR D 312 -12.99 12.76 9.99
CA THR D 312 -12.20 13.98 9.84
C THR D 312 -13.00 15.15 9.31
N MET D 313 -14.12 14.89 8.63
CA MET D 313 -14.88 15.97 8.01
C MET D 313 -15.85 16.67 8.97
N ALA D 314 -15.95 16.22 10.22
CA ALA D 314 -16.98 16.75 11.11
C ALA D 314 -16.77 18.24 11.38
N HIS D 315 -15.69 18.59 12.08
CA HIS D 315 -15.45 19.99 12.41
C HIS D 315 -15.05 20.78 11.17
N LEU D 316 -14.37 20.14 10.23
CA LEU D 316 -13.99 20.82 8.99
C LEU D 316 -15.24 21.31 8.25
N PHE D 317 -16.20 20.42 8.03
CA PHE D 317 -17.42 20.80 7.33
C PHE D 317 -18.31 21.67 8.22
N SER D 318 -18.20 21.55 9.54
CA SER D 318 -18.93 22.47 10.40
C SER D 318 -18.44 23.91 10.19
N LYS D 319 -17.12 24.10 10.14
CA LYS D 319 -16.58 25.42 9.85
C LYS D 319 -16.96 25.87 8.45
N LEU D 320 -16.88 24.96 7.47
CA LEU D 320 -17.27 25.28 6.10
C LEU D 320 -18.72 25.76 6.05
N SER D 321 -19.61 25.07 6.76
CA SER D 321 -21.02 25.40 6.74
C SER D 321 -21.30 26.69 7.49
N PHE D 322 -20.61 26.91 8.61
CA PHE D 322 -20.78 28.19 9.29
C PHE D 322 -20.35 29.32 8.38
N CYS D 323 -19.27 29.13 7.64
CA CYS D 323 -18.94 30.07 6.57
C CYS D 323 -20.00 30.04 5.47
N TYR D 324 -20.45 28.85 5.10
CA TYR D 324 -21.48 28.72 4.06
C TYR D 324 -22.85 29.01 4.63
N ILE E 39 -24.68 11.09 -16.08
CA ILE E 39 -24.83 10.33 -14.84
C ILE E 39 -24.19 8.96 -14.98
N GLY E 40 -24.48 8.28 -16.08
CA GLY E 40 -23.96 6.93 -16.27
C GLY E 40 -22.45 6.88 -16.34
N VAL E 41 -21.84 7.91 -16.94
CA VAL E 41 -20.38 8.02 -16.92
C VAL E 41 -19.88 8.17 -15.50
N PHE E 42 -20.51 9.05 -14.72
CA PHE E 42 -20.18 9.14 -13.31
C PHE E 42 -20.32 7.79 -12.62
N GLY E 43 -21.43 7.09 -12.92
CA GLY E 43 -21.65 5.79 -12.30
C GLY E 43 -20.56 4.78 -12.64
N CYS E 44 -20.06 4.80 -13.87
CA CYS E 44 -18.97 3.89 -14.20
C CYS E 44 -17.70 4.29 -13.47
N THR E 45 -17.47 5.59 -13.30
CA THR E 45 -16.36 6.00 -12.44
C THR E 45 -16.49 5.38 -11.05
N LEU E 46 -17.65 5.53 -10.40
CA LEU E 46 -17.78 4.98 -9.05
C LEU E 46 -17.59 3.47 -9.04
N GLN E 47 -18.15 2.77 -10.02
CA GLN E 47 -18.05 1.30 -9.98
C GLN E 47 -16.62 0.85 -10.21
N VAL E 48 -15.82 1.62 -10.95
CA VAL E 48 -14.40 1.29 -11.04
C VAL E 48 -13.71 1.57 -9.71
N MET E 49 -13.93 2.74 -9.10
CA MET E 49 -13.17 3.08 -7.92
C MET E 49 -13.74 2.44 -6.64
N GLN E 50 -14.98 2.79 -6.30
CA GLN E 50 -15.49 2.51 -4.95
C GLN E 50 -16.58 1.45 -4.91
N ASP E 51 -16.72 0.61 -5.94
CA ASP E 51 -17.73 -0.45 -5.88
C ASP E 51 -17.07 -1.64 -5.16
N LYS E 52 -17.07 -1.57 -3.84
CA LYS E 52 -16.52 -2.63 -3.00
C LYS E 52 -17.57 -3.00 -1.96
N ILE E 53 -17.75 -4.31 -1.75
CA ILE E 53 -18.66 -4.83 -0.73
C ILE E 53 -17.83 -5.61 0.28
N ILE E 54 -18.33 -5.73 1.50
CA ILE E 54 -17.66 -6.45 2.58
C ILE E 54 -18.63 -7.48 3.15
N CYS E 55 -18.13 -8.69 3.34
CA CYS E 55 -18.91 -9.84 3.78
C CYS E 55 -18.28 -10.47 5.02
N LEU E 56 -19.11 -10.79 6.01
CA LEU E 56 -18.67 -11.50 7.20
C LEU E 56 -19.60 -12.67 7.48
N PRO E 57 -19.08 -13.81 7.93
CA PRO E 57 -19.95 -14.98 8.14
C PRO E 57 -20.87 -14.83 9.34
N LYS E 58 -22.00 -15.54 9.28
CA LYS E 58 -23.08 -15.37 10.25
C LYS E 58 -23.14 -16.50 11.28
N ARG E 59 -23.25 -17.75 10.84
CA ARG E 59 -23.37 -18.86 11.76
C ARG E 59 -22.05 -19.08 12.50
N VAL E 60 -22.14 -19.44 13.77
CA VAL E 60 -20.95 -19.60 14.61
C VAL E 60 -20.79 -21.03 15.12
N LEU E 100 -14.57 -10.58 17.81
CA LEU E 100 -14.95 -11.81 17.13
C LEU E 100 -14.06 -12.07 15.92
N LYS E 101 -12.96 -12.77 16.13
CA LYS E 101 -12.08 -13.13 15.02
C LYS E 101 -12.69 -14.26 14.21
N THR E 102 -12.46 -14.22 12.90
CA THR E 102 -12.98 -15.24 11.99
C THR E 102 -11.88 -16.07 11.34
N ASP E 103 -10.62 -15.81 11.69
CA ASP E 103 -9.44 -16.50 11.15
C ASP E 103 -9.51 -16.71 9.63
N LEU E 104 -9.95 -15.69 8.90
CA LEU E 104 -9.90 -15.67 7.44
C LEU E 104 -8.91 -14.62 6.96
N ASP E 105 -8.03 -15.02 6.05
CA ASP E 105 -7.03 -14.11 5.51
C ASP E 105 -7.66 -13.12 4.54
N LEU E 106 -6.87 -12.14 4.12
CA LEU E 106 -7.37 -11.10 3.23
C LEU E 106 -7.76 -11.68 1.87
N GLN E 107 -7.02 -12.68 1.40
CA GLN E 107 -7.39 -13.34 0.14
C GLN E 107 -8.75 -14.00 0.25
N GLN E 108 -9.00 -14.69 1.35
CA GLN E 108 -10.31 -15.32 1.56
C GLN E 108 -11.40 -14.27 1.67
N TYR E 109 -11.11 -13.16 2.35
CA TYR E 109 -12.10 -12.08 2.46
C TYR E 109 -12.46 -11.52 1.09
N SER E 110 -11.46 -11.27 0.26
CA SER E 110 -11.73 -10.75 -1.08
C SER E 110 -12.49 -11.77 -1.92
N PHE E 111 -12.12 -13.04 -1.81
CA PHE E 111 -12.83 -14.09 -2.54
C PHE E 111 -14.31 -14.13 -2.15
N ILE E 112 -14.59 -14.08 -0.85
CA ILE E 112 -15.97 -14.08 -0.38
C ILE E 112 -16.70 -12.84 -0.86
N ASN E 113 -16.02 -11.68 -0.82
CA ASN E 113 -16.64 -10.44 -1.27
C ASN E 113 -17.06 -10.54 -2.72
N GLN E 114 -16.16 -10.99 -3.60
CA GLN E 114 -16.51 -11.05 -5.02
C GLN E 114 -17.55 -12.13 -5.29
N MET E 115 -17.49 -13.25 -4.56
CA MET E 115 -18.49 -14.29 -4.74
C MET E 115 -19.88 -13.78 -4.41
N CYS E 116 -20.04 -13.15 -3.23
CA CYS E 116 -21.35 -12.63 -2.86
C CYS E 116 -21.76 -11.45 -3.74
N TYR E 117 -20.80 -10.67 -4.22
CA TYR E 117 -21.11 -9.59 -5.16
C TYR E 117 -21.70 -10.15 -6.45
N GLU E 118 -21.14 -11.27 -6.92
CA GLU E 118 -21.69 -11.91 -8.12
C GLU E 118 -23.04 -12.54 -7.84
N ARG E 119 -23.24 -13.10 -6.64
CA ARG E 119 -24.45 -13.87 -6.40
C ARG E 119 -25.57 -13.03 -5.80
N ALA E 120 -25.25 -12.19 -4.81
CA ALA E 120 -26.32 -11.55 -4.04
C ALA E 120 -26.73 -10.21 -4.63
N LEU E 121 -25.76 -9.37 -4.98
CA LEU E 121 -26.09 -8.03 -5.46
C LEU E 121 -26.86 -8.11 -6.76
N HIS E 122 -27.96 -7.37 -6.82
CA HIS E 122 -28.86 -7.46 -7.96
C HIS E 122 -28.20 -6.92 -9.22
N TRP E 123 -28.60 -7.49 -10.36
CA TRP E 123 -27.96 -7.16 -11.63
C TRP E 123 -28.15 -5.68 -12.00
N TYR E 124 -29.15 -5.01 -11.41
CA TYR E 124 -29.34 -3.59 -11.70
C TYR E 124 -28.15 -2.77 -11.19
N ALA E 125 -27.63 -3.12 -10.00
CA ALA E 125 -26.49 -2.38 -9.47
C ALA E 125 -25.31 -2.42 -10.41
N LYS E 126 -25.04 -3.59 -11.00
CA LYS E 126 -23.94 -3.70 -11.94
C LYS E 126 -24.26 -3.05 -13.29
N TYR E 127 -25.48 -3.23 -13.78
CA TYR E 127 -25.84 -2.82 -15.13
C TYR E 127 -26.23 -1.35 -15.24
N PHE E 128 -26.30 -0.62 -14.12
CA PHE E 128 -26.69 0.79 -14.18
C PHE E 128 -25.79 1.63 -15.09
N PRO E 129 -24.45 1.52 -15.02
CA PRO E 129 -23.62 2.44 -15.82
C PRO E 129 -23.57 2.14 -17.32
N TYR E 130 -24.27 1.10 -17.80
CA TYR E 130 -24.37 0.89 -19.23
C TYR E 130 -25.66 1.45 -19.80
N LEU E 131 -26.74 1.41 -19.02
CA LEU E 131 -28.00 2.04 -19.40
C LEU E 131 -27.81 3.53 -19.61
N VAL E 132 -27.24 4.21 -18.63
CA VAL E 132 -26.94 5.62 -18.75
C VAL E 132 -25.44 5.73 -18.92
N TYR E 280 -40.17 -0.11 -15.54
CA TYR E 280 -39.57 -1.34 -15.04
C TYR E 280 -38.72 -1.06 -13.81
N ASN E 281 -38.37 0.21 -13.61
CA ASN E 281 -37.54 0.61 -12.47
C ASN E 281 -38.35 0.78 -11.20
N SER E 282 -39.68 0.76 -11.27
CA SER E 282 -40.50 0.91 -10.07
C SER E 282 -40.23 -0.19 -9.07
N ALA E 283 -40.14 -1.44 -9.53
CA ALA E 283 -39.77 -2.54 -8.66
C ALA E 283 -38.27 -2.52 -8.37
N LEU E 284 -37.46 -2.01 -9.29
CA LEU E 284 -36.02 -2.00 -9.10
C LEU E 284 -35.59 -1.07 -7.95
N VAL E 285 -36.31 0.03 -7.75
CA VAL E 285 -35.93 0.98 -6.71
C VAL E 285 -36.04 0.34 -5.34
N SER E 286 -37.14 -0.36 -5.07
CA SER E 286 -37.32 -1.07 -3.82
C SER E 286 -36.70 -2.46 -3.83
N LYS E 287 -36.13 -2.88 -4.96
CA LYS E 287 -35.58 -4.22 -5.05
C LYS E 287 -34.38 -4.41 -4.12
N VAL E 288 -33.42 -3.51 -4.20
CA VAL E 288 -32.17 -3.68 -3.46
C VAL E 288 -32.24 -2.93 -2.15
N GLN E 289 -31.41 -3.35 -1.20
CA GLN E 289 -31.28 -2.69 0.10
C GLN E 289 -29.80 -2.52 0.41
N PHE E 290 -29.51 -1.86 1.53
CA PHE E 290 -28.12 -1.60 1.90
C PHE E 290 -27.41 -2.89 2.28
N THR E 291 -27.89 -3.54 3.34
CA THR E 291 -27.29 -4.80 3.77
C THR E 291 -27.99 -5.98 3.10
N VAL E 292 -27.23 -7.04 2.85
CA VAL E 292 -27.74 -8.23 2.18
C VAL E 292 -27.21 -9.46 2.89
N ASP E 293 -27.87 -10.59 2.67
CA ASP E 293 -27.39 -11.89 3.12
C ASP E 293 -27.25 -12.81 1.92
N CYS E 294 -26.15 -13.55 1.89
CA CYS E 294 -25.91 -14.53 0.83
C CYS E 294 -25.53 -15.85 1.46
N ASN E 295 -26.19 -16.93 1.03
CA ASN E 295 -25.85 -18.28 1.45
C ASN E 295 -24.95 -18.88 0.37
N VAL E 296 -23.77 -18.29 0.22
CA VAL E 296 -22.80 -18.76 -0.76
C VAL E 296 -22.22 -20.09 -0.30
N ASP E 297 -22.18 -21.06 -1.20
CA ASP E 297 -21.83 -22.43 -0.84
C ASP E 297 -20.30 -22.57 -0.85
N ILE E 298 -19.69 -22.00 0.18
CA ILE E 298 -18.25 -22.18 0.40
C ILE E 298 -17.97 -22.95 1.69
N GLN E 299 -18.90 -23.82 2.12
CA GLN E 299 -18.61 -24.71 3.24
C GLN E 299 -17.52 -25.71 2.85
N ASP E 300 -16.60 -25.95 3.78
CA ASP E 300 -15.35 -26.67 3.57
C ASP E 300 -14.46 -25.96 2.56
N MET E 301 -14.87 -24.79 2.07
CA MET E 301 -14.11 -23.93 1.18
C MET E 301 -13.54 -22.72 1.89
N THR E 302 -14.38 -22.00 2.65
CA THR E 302 -13.93 -20.99 3.58
C THR E 302 -14.40 -21.25 5.00
N GLY E 303 -15.24 -22.26 5.23
CA GLY E 303 -15.69 -22.61 6.55
C GLY E 303 -17.08 -22.12 6.93
N TYR E 304 -17.72 -21.31 6.08
CA TYR E 304 -19.04 -20.77 6.38
C TYR E 304 -19.84 -20.67 5.08
N LYS E 305 -21.16 -20.62 5.22
CA LYS E 305 -22.05 -20.45 4.07
C LYS E 305 -22.82 -19.14 4.13
N ASN E 306 -23.39 -18.80 5.29
CA ASN E 306 -24.18 -17.59 5.44
C ASN E 306 -23.26 -16.40 5.69
N PHE E 307 -23.42 -15.35 4.88
CA PHE E 307 -22.59 -14.17 5.00
C PHE E 307 -23.46 -12.92 4.90
N SER E 308 -23.27 -12.01 5.85
CA SER E 308 -23.91 -10.70 5.80
C SER E 308 -22.94 -9.71 5.17
N CYS E 309 -23.43 -8.94 4.21
CA CYS E 309 -22.57 -8.07 3.41
C CYS E 309 -23.21 -6.71 3.24
N ASN E 310 -22.35 -5.73 2.94
CA ASN E 310 -22.84 -4.38 2.65
C ASN E 310 -21.81 -3.63 1.81
N HIS E 311 -22.30 -2.60 1.12
CA HIS E 311 -21.47 -1.68 0.35
C HIS E 311 -22.05 -0.28 0.47
N THR E 312 -21.18 0.72 0.58
CA THR E 312 -21.63 2.09 0.77
C THR E 312 -22.38 2.64 -0.44
N MET E 313 -22.18 2.05 -1.62
CA MET E 313 -22.82 2.55 -2.82
C MET E 313 -24.31 2.24 -2.88
N ALA E 314 -24.83 1.43 -1.97
CA ALA E 314 -26.24 1.04 -2.01
C ALA E 314 -27.14 2.26 -1.86
N HIS E 315 -27.07 2.93 -0.70
CA HIS E 315 -27.94 4.08 -0.47
C HIS E 315 -27.59 5.25 -1.39
N LEU E 316 -26.30 5.42 -1.70
CA LEU E 316 -25.92 6.50 -2.60
C LEU E 316 -26.56 6.32 -3.97
N PHE E 317 -26.46 5.12 -4.54
CA PHE E 317 -27.06 4.87 -5.84
C PHE E 317 -28.58 4.83 -5.76
N SER E 318 -29.14 4.46 -4.61
CA SER E 318 -30.59 4.55 -4.45
C SER E 318 -31.06 5.99 -4.51
N LYS E 319 -30.34 6.90 -3.84
CA LYS E 319 -30.68 8.31 -3.93
C LYS E 319 -30.48 8.83 -5.35
N LEU E 320 -29.38 8.44 -5.99
CA LEU E 320 -29.14 8.83 -7.38
C LEU E 320 -30.28 8.38 -8.28
N SER E 321 -30.75 7.14 -8.10
CA SER E 321 -31.81 6.61 -8.93
C SER E 321 -33.14 7.29 -8.63
N PHE E 322 -33.41 7.60 -7.36
CA PHE E 322 -34.62 8.33 -7.05
C PHE E 322 -34.61 9.70 -7.70
N CYS E 323 -33.44 10.34 -7.71
CA CYS E 323 -33.27 11.54 -8.53
C CYS E 323 -33.38 11.19 -10.02
N TYR E 324 -32.75 10.10 -10.44
CA TYR E 324 -32.81 9.68 -11.82
C TYR E 324 -34.13 8.97 -12.11
N ILE F 39 -13.90 -1.19 -28.08
CA ILE F 39 -14.15 -2.09 -26.96
C ILE F 39 -12.87 -2.81 -26.56
N GLY F 40 -12.10 -3.22 -27.57
CA GLY F 40 -10.88 -3.96 -27.28
C GLY F 40 -9.88 -3.16 -26.49
N VAL F 41 -9.79 -1.85 -26.76
CA VAL F 41 -8.95 -0.98 -25.94
C VAL F 41 -9.48 -0.96 -24.50
N PHE F 42 -10.79 -0.80 -24.35
CA PHE F 42 -11.38 -0.90 -23.02
C PHE F 42 -11.11 -2.27 -22.41
N GLY F 43 -11.20 -3.32 -23.21
CA GLY F 43 -10.93 -4.66 -22.71
C GLY F 43 -9.52 -4.81 -22.16
N CYS F 44 -8.53 -4.26 -22.87
CA CYS F 44 -7.16 -4.35 -22.36
C CYS F 44 -6.98 -3.44 -21.16
N THR F 45 -7.78 -2.38 -21.04
CA THR F 45 -7.79 -1.62 -19.78
C THR F 45 -8.22 -2.50 -18.61
N LEU F 46 -9.36 -3.20 -18.75
CA LEU F 46 -9.75 -4.11 -17.66
C LEU F 46 -8.69 -5.19 -17.46
N GLN F 47 -8.01 -5.60 -18.55
CA GLN F 47 -6.97 -6.61 -18.41
C GLN F 47 -5.81 -6.11 -17.57
N VAL F 48 -5.37 -4.87 -17.78
CA VAL F 48 -4.21 -4.38 -17.05
C VAL F 48 -4.58 -4.04 -15.61
N MET F 49 -5.72 -3.38 -15.39
CA MET F 49 -6.02 -2.93 -14.04
C MET F 49 -6.64 -4.02 -13.16
N GLN F 50 -7.81 -4.53 -13.54
CA GLN F 50 -8.61 -5.34 -12.63
C GLN F 50 -8.77 -6.79 -13.04
N ASP F 51 -7.94 -7.29 -13.96
CA ASP F 51 -8.06 -8.69 -14.38
C ASP F 51 -7.29 -9.49 -13.34
N LYS F 52 -7.97 -9.84 -12.25
CA LYS F 52 -7.41 -10.63 -11.16
C LYS F 52 -8.34 -11.79 -10.86
N ILE F 53 -7.76 -12.95 -10.55
CA ILE F 53 -8.52 -14.13 -10.12
C ILE F 53 -8.04 -14.50 -8.73
N ILE F 54 -8.87 -15.21 -7.98
CA ILE F 54 -8.53 -15.67 -6.64
C ILE F 54 -8.82 -17.16 -6.54
N CYS F 55 -7.86 -17.91 -6.00
CA CYS F 55 -7.89 -19.37 -5.92
C CYS F 55 -7.71 -19.83 -4.48
N LEU F 56 -8.55 -20.78 -4.06
CA LEU F 56 -8.46 -21.38 -2.74
C LEU F 56 -8.43 -22.91 -2.86
N PRO F 57 -7.64 -23.59 -2.04
CA PRO F 57 -7.56 -25.05 -2.13
C PRO F 57 -8.84 -25.74 -1.69
N LYS F 58 -9.07 -26.93 -2.26
CA LYS F 58 -10.33 -27.64 -2.10
C LYS F 58 -10.24 -28.82 -1.15
N ARG F 59 -9.32 -29.75 -1.39
CA ARG F 59 -9.21 -30.94 -0.55
C ARG F 59 -8.65 -30.56 0.82
N VAL F 60 -9.17 -31.18 1.87
CA VAL F 60 -8.79 -30.85 3.24
C VAL F 60 -8.10 -32.01 3.94
N LEU F 100 -11.61 -20.96 8.29
CA LEU F 100 -10.80 -21.98 7.62
C LEU F 100 -9.49 -21.39 7.11
N LYS F 101 -8.48 -21.38 7.99
CA LYS F 101 -7.17 -20.90 7.58
C LYS F 101 -6.47 -21.93 6.71
N THR F 102 -5.69 -21.45 5.74
CA THR F 102 -4.95 -22.32 4.84
C THR F 102 -3.44 -22.16 5.00
N ASP F 103 -2.99 -21.39 5.99
CA ASP F 103 -1.58 -21.11 6.27
C ASP F 103 -0.75 -20.88 5.02
N LEU F 104 -1.29 -20.12 4.07
CA LEU F 104 -0.57 -19.74 2.85
C LEU F 104 -0.33 -18.24 2.86
N ASP F 105 0.90 -17.84 2.58
CA ASP F 105 1.27 -16.43 2.55
C ASP F 105 0.77 -15.78 1.27
N LEU F 106 0.88 -14.45 1.22
CA LEU F 106 0.39 -13.70 0.07
C LEU F 106 1.19 -14.04 -1.20
N GLN F 107 2.48 -14.31 -1.05
CA GLN F 107 3.28 -14.73 -2.20
C GLN F 107 2.78 -16.05 -2.76
N GLN F 108 2.48 -17.01 -1.89
CA GLN F 108 1.94 -18.29 -2.34
C GLN F 108 0.58 -18.09 -3.00
N TYR F 109 -0.26 -17.22 -2.41
CA TYR F 109 -1.57 -16.95 -3.00
C TYR F 109 -1.43 -16.37 -4.40
N SER F 110 -0.53 -15.40 -4.58
CA SER F 110 -0.33 -14.80 -5.90
C SER F 110 0.21 -15.82 -6.90
N PHE F 111 1.15 -16.67 -6.45
CA PHE F 111 1.68 -17.72 -7.31
C PHE F 111 0.58 -18.65 -7.78
N ILE F 112 -0.28 -19.09 -6.85
CA ILE F 112 -1.38 -19.98 -7.21
C ILE F 112 -2.34 -19.28 -8.17
N ASN F 113 -2.62 -18.00 -7.91
CA ASN F 113 -3.52 -17.24 -8.77
C ASN F 113 -3.00 -17.19 -10.19
N GLN F 114 -1.72 -16.83 -10.37
CA GLN F 114 -1.21 -16.71 -11.74
C GLN F 114 -1.08 -18.08 -12.39
N MET F 115 -0.72 -19.10 -11.61
CA MET F 115 -0.60 -20.45 -12.15
C MET F 115 -1.94 -20.92 -12.71
N CYS F 116 -3.00 -20.80 -11.92
CA CYS F 116 -4.31 -21.22 -12.39
C CYS F 116 -4.85 -20.31 -13.48
N TYR F 117 -4.45 -19.03 -13.48
CA TYR F 117 -4.82 -18.14 -14.57
C TYR F 117 -4.22 -18.63 -15.88
N GLU F 118 -2.95 -19.04 -15.86
CA GLU F 118 -2.32 -19.56 -17.05
C GLU F 118 -2.94 -20.89 -17.47
N ARG F 119 -3.23 -21.77 -16.51
CA ARG F 119 -3.69 -23.11 -16.86
C ARG F 119 -5.20 -23.14 -17.09
N ALA F 120 -5.99 -22.84 -16.06
CA ALA F 120 -7.41 -23.12 -16.13
C ALA F 120 -8.15 -22.13 -17.02
N LEU F 121 -7.81 -20.85 -16.92
CA LEU F 121 -8.59 -19.84 -17.62
C LEU F 121 -8.45 -19.98 -19.13
N HIS F 122 -9.57 -19.90 -19.83
CA HIS F 122 -9.59 -20.12 -21.27
C HIS F 122 -8.85 -19.01 -22.01
N TRP F 123 -8.22 -19.38 -23.12
CA TRP F 123 -7.41 -18.44 -23.88
C TRP F 123 -8.22 -17.29 -24.46
N TYR F 124 -9.54 -17.47 -24.59
CA TYR F 124 -10.36 -16.38 -25.11
C TYR F 124 -10.37 -15.19 -24.15
N ALA F 125 -10.42 -15.46 -22.84
CA ALA F 125 -10.41 -14.39 -21.86
C ALA F 125 -9.18 -13.51 -22.02
N LYS F 126 -8.02 -14.13 -22.23
CA LYS F 126 -6.79 -13.37 -22.41
C LYS F 126 -6.74 -12.70 -23.78
N TYR F 127 -7.14 -13.40 -24.84
CA TYR F 127 -6.94 -12.94 -26.20
C TYR F 127 -8.01 -11.98 -26.69
N PHE F 128 -9.06 -11.75 -25.90
CA PHE F 128 -10.13 -10.85 -26.34
C PHE F 128 -9.65 -9.45 -26.69
N PRO F 129 -8.78 -8.80 -25.90
CA PRO F 129 -8.44 -7.40 -26.22
C PRO F 129 -7.44 -7.22 -27.36
N TYR F 130 -6.98 -8.29 -28.00
CA TYR F 130 -6.12 -8.12 -29.17
C TYR F 130 -6.91 -8.24 -30.46
N LEU F 131 -7.94 -9.10 -30.48
CA LEU F 131 -8.88 -9.15 -31.59
C LEU F 131 -9.53 -7.79 -31.80
N VAL F 132 -10.28 -7.32 -30.81
CA VAL F 132 -10.86 -6.00 -30.86
C VAL F 132 -9.87 -5.05 -30.22
N TYR F 280 -17.30 -18.78 -34.61
CA TYR F 280 -16.44 -19.50 -33.68
C TYR F 280 -16.71 -19.08 -32.24
N ASN F 281 -17.36 -17.93 -32.07
CA ASN F 281 -17.68 -17.41 -30.75
C ASN F 281 -18.91 -18.06 -30.14
N SER F 282 -19.70 -18.81 -30.92
CA SER F 282 -20.88 -19.46 -30.38
C SER F 282 -20.53 -20.44 -29.27
N ALA F 283 -19.47 -21.23 -29.47
CA ALA F 283 -18.99 -22.11 -28.41
C ALA F 283 -18.22 -21.32 -27.35
N LEU F 284 -17.59 -20.20 -27.74
CA LEU F 284 -16.81 -19.42 -26.78
C LEU F 284 -17.70 -18.78 -25.72
N VAL F 285 -18.92 -18.37 -26.07
CA VAL F 285 -19.78 -17.69 -25.11
C VAL F 285 -20.14 -18.61 -23.96
N SER F 286 -20.53 -19.84 -24.27
CA SER F 286 -20.85 -20.83 -23.24
C SER F 286 -19.62 -21.58 -22.75
N LYS F 287 -18.44 -21.32 -23.32
CA LYS F 287 -17.24 -22.05 -22.96
C LYS F 287 -16.83 -21.75 -21.52
N VAL F 288 -16.73 -20.48 -21.16
CA VAL F 288 -16.22 -20.08 -19.87
C VAL F 288 -17.38 -19.86 -18.90
N GLN F 289 -17.07 -19.95 -17.60
CA GLN F 289 -18.03 -19.68 -16.54
C GLN F 289 -17.36 -18.79 -15.50
N PHE F 290 -18.14 -18.42 -14.48
CA PHE F 290 -17.61 -17.53 -13.44
C PHE F 290 -16.59 -18.25 -12.58
N THR F 291 -16.99 -19.33 -11.93
CA THR F 291 -16.08 -20.09 -11.09
C THR F 291 -15.47 -21.25 -11.88
N VAL F 292 -14.21 -21.56 -11.55
CA VAL F 292 -13.47 -22.61 -12.25
C VAL F 292 -12.76 -23.46 -11.21
N ASP F 293 -12.33 -24.65 -11.64
CA ASP F 293 -11.50 -25.53 -10.82
C ASP F 293 -10.23 -25.86 -11.61
N CYS F 294 -9.09 -25.84 -10.93
CA CYS F 294 -7.82 -26.24 -11.53
C CYS F 294 -7.12 -27.23 -10.63
N ASN F 295 -6.71 -28.36 -11.21
CA ASN F 295 -5.90 -29.35 -10.50
C ASN F 295 -4.44 -29.08 -10.85
N VAL F 296 -3.96 -27.93 -10.40
CA VAL F 296 -2.59 -27.48 -10.66
C VAL F 296 -1.63 -28.33 -9.85
N ASP F 297 -0.59 -28.85 -10.52
CA ASP F 297 0.34 -29.78 -9.90
C ASP F 297 1.37 -29.02 -9.05
N ILE F 298 0.89 -28.54 -7.90
CA ILE F 298 1.77 -27.92 -6.91
C ILE F 298 1.79 -28.70 -5.60
N GLN F 299 1.58 -30.02 -5.66
CA GLN F 299 1.76 -30.86 -4.50
C GLN F 299 3.22 -30.85 -4.06
N ASP F 300 3.44 -30.79 -2.74
CA ASP F 300 4.74 -30.58 -2.10
C ASP F 300 5.35 -29.24 -2.48
N MET F 301 4.64 -28.42 -3.26
CA MET F 301 5.05 -27.07 -3.63
C MET F 301 4.28 -26.02 -2.85
N THR F 302 2.95 -26.12 -2.83
CA THR F 302 2.10 -25.33 -1.96
C THR F 302 1.28 -26.16 -1.00
N GLY F 303 1.24 -27.48 -1.17
CA GLY F 303 0.51 -28.36 -0.29
C GLY F 303 -0.85 -28.81 -0.77
N TYR F 304 -1.36 -28.22 -1.85
CA TYR F 304 -2.66 -28.61 -2.39
C TYR F 304 -2.58 -28.64 -3.90
N LYS F 305 -3.45 -29.43 -4.52
CA LYS F 305 -3.53 -29.52 -5.97
C LYS F 305 -4.82 -28.95 -6.52
N ASN F 306 -5.97 -29.28 -5.91
CA ASN F 306 -7.26 -28.82 -6.38
C ASN F 306 -7.55 -27.43 -5.82
N PHE F 307 -7.84 -26.49 -6.71
CA PHE F 307 -8.12 -25.11 -6.32
C PHE F 307 -9.34 -24.62 -7.05
N SER F 308 -10.29 -24.07 -6.30
CA SER F 308 -11.46 -23.40 -6.86
C SER F 308 -11.18 -21.91 -6.92
N CYS F 309 -11.47 -21.31 -8.07
CA CYS F 309 -11.10 -19.92 -8.33
C CYS F 309 -12.28 -19.17 -8.92
N ASN F 310 -12.23 -17.85 -8.76
CA ASN F 310 -13.20 -16.98 -9.40
C ASN F 310 -12.57 -15.63 -9.67
N HIS F 311 -13.15 -14.93 -10.65
CA HIS F 311 -12.69 -13.61 -11.05
C HIS F 311 -13.89 -12.77 -11.48
N THR F 312 -13.89 -11.50 -11.09
CA THR F 312 -15.07 -10.65 -11.21
C THR F 312 -15.48 -10.37 -12.65
N MET F 313 -14.52 -10.16 -13.54
CA MET F 313 -14.85 -9.77 -14.91
C MET F 313 -15.35 -10.93 -15.75
N ALA F 314 -15.58 -12.10 -15.16
CA ALA F 314 -16.12 -13.22 -15.91
C ALA F 314 -17.50 -12.89 -16.46
N HIS F 315 -18.47 -12.62 -15.57
CA HIS F 315 -19.81 -12.31 -16.02
C HIS F 315 -19.87 -10.97 -16.75
N LEU F 316 -19.03 -10.02 -16.34
CA LEU F 316 -18.97 -8.73 -17.02
C LEU F 316 -18.58 -8.92 -18.48
N PHE F 317 -17.52 -9.69 -18.72
CA PHE F 317 -17.07 -9.94 -20.09
C PHE F 317 -18.06 -10.81 -20.85
N SER F 318 -18.76 -11.71 -20.15
CA SER F 318 -19.80 -12.49 -20.80
C SER F 318 -20.92 -11.59 -21.30
N LYS F 319 -21.33 -10.61 -20.46
CA LYS F 319 -22.34 -9.66 -20.90
C LYS F 319 -21.83 -8.79 -22.05
N LEU F 320 -20.59 -8.33 -21.94
CA LEU F 320 -19.98 -7.55 -23.03
C LEU F 320 -20.00 -8.34 -24.33
N SER F 321 -19.63 -9.61 -24.27
CA SER F 321 -19.57 -10.45 -25.47
C SER F 321 -20.95 -10.74 -26.01
N PHE F 322 -21.94 -10.93 -25.14
CA PHE F 322 -23.30 -11.10 -25.61
C PHE F 322 -23.77 -9.84 -26.33
N CYS F 323 -23.40 -8.67 -25.80
CA CYS F 323 -23.59 -7.43 -26.54
C CYS F 323 -22.70 -7.39 -27.76
N TYR F 324 -21.43 -7.77 -27.61
CA TYR F 324 -20.51 -7.78 -28.73
C TYR F 324 -20.70 -9.06 -29.56
N ILE G 39 6.07 -1.62 -30.62
CA ILE G 39 5.92 -2.79 -29.75
C ILE G 39 6.96 -2.74 -28.64
N GLY G 40 8.19 -2.37 -29.00
CA GLY G 40 9.26 -2.31 -28.02
C GLY G 40 8.98 -1.30 -26.91
N VAL G 41 8.38 -0.17 -27.26
CA VAL G 41 7.95 0.79 -26.24
C VAL G 41 6.91 0.15 -25.32
N PHE G 42 5.91 -0.50 -25.90
CA PHE G 42 4.95 -1.24 -25.10
C PHE G 42 5.65 -2.32 -24.28
N GLY G 43 6.64 -3.00 -24.87
CA GLY G 43 7.37 -4.01 -24.14
C GLY G 43 8.07 -3.47 -22.91
N CYS G 44 8.68 -2.29 -23.02
CA CYS G 44 9.33 -1.71 -21.86
C CYS G 44 8.31 -1.18 -20.87
N THR G 45 7.12 -0.81 -21.34
CA THR G 45 6.03 -0.54 -20.40
C THR G 45 5.72 -1.76 -19.55
N LEU G 46 5.49 -2.92 -20.17
CA LEU G 46 5.24 -4.11 -19.36
C LEU G 46 6.43 -4.46 -18.49
N GLN G 47 7.65 -4.23 -18.99
CA GLN G 47 8.84 -4.51 -18.20
C GLN G 47 8.89 -3.64 -16.95
N VAL G 48 8.45 -2.39 -17.06
CA VAL G 48 8.47 -1.50 -15.90
C VAL G 48 7.34 -1.82 -14.94
N MET G 49 6.10 -1.95 -15.44
CA MET G 49 4.95 -2.01 -14.55
C MET G 49 4.74 -3.41 -13.97
N GLN G 50 4.66 -4.43 -14.81
CA GLN G 50 4.18 -5.74 -14.37
C GLN G 50 5.18 -6.88 -14.53
N ASP G 51 6.47 -6.60 -14.73
CA ASP G 51 7.43 -7.68 -14.99
C ASP G 51 8.02 -8.09 -13.63
N LYS G 52 7.29 -8.96 -12.93
CA LYS G 52 7.77 -9.64 -11.74
C LYS G 52 7.56 -11.15 -11.92
N ILE G 53 8.45 -11.94 -11.34
CA ILE G 53 8.31 -13.39 -11.26
C ILE G 53 8.11 -13.76 -9.79
N ILE G 54 7.56 -14.95 -9.55
CA ILE G 54 7.33 -15.45 -8.20
C ILE G 54 8.00 -16.82 -8.07
N CYS G 55 8.73 -17.02 -6.97
CA CYS G 55 9.54 -18.20 -6.72
C CYS G 55 9.20 -18.81 -5.37
N LEU G 56 9.15 -20.14 -5.32
CA LEU G 56 8.98 -20.87 -4.06
C LEU G 56 9.90 -22.09 -4.04
N PRO G 57 10.45 -22.45 -2.88
CA PRO G 57 11.40 -23.57 -2.82
C PRO G 57 10.75 -24.91 -3.10
N LYS G 58 11.57 -25.85 -3.58
CA LYS G 58 11.11 -27.16 -4.03
C LYS G 58 11.46 -28.27 -3.05
N ARG G 59 12.74 -28.44 -2.72
CA ARG G 59 13.16 -29.50 -1.81
C ARG G 59 12.67 -29.21 -0.40
N VAL G 60 12.22 -30.25 0.29
CA VAL G 60 11.66 -30.11 1.64
C VAL G 60 12.43 -30.97 2.64
N LEU G 100 1.26 -25.05 3.24
CA LEU G 100 2.70 -25.25 3.26
C LEU G 100 3.43 -23.93 3.48
N LYS G 101 3.64 -23.58 4.74
CA LYS G 101 4.38 -22.37 5.08
C LYS G 101 5.86 -22.56 4.85
N THR G 102 6.53 -21.49 4.41
CA THR G 102 7.96 -21.52 4.15
C THR G 102 8.74 -20.61 5.10
N ASP G 103 8.07 -20.01 6.09
CA ASP G 103 8.64 -19.09 7.07
C ASP G 103 9.64 -18.11 6.44
N LEU G 104 9.30 -17.57 5.27
CA LEU G 104 10.13 -16.58 4.59
C LEU G 104 9.39 -15.25 4.54
N ASP G 105 10.09 -14.18 4.92
CA ASP G 105 9.50 -12.86 4.92
C ASP G 105 9.44 -12.30 3.50
N LEU G 106 8.76 -11.16 3.37
CA LEU G 106 8.56 -10.55 2.05
C LEU G 106 9.88 -10.09 1.45
N GLN G 107 10.80 -9.61 2.29
CA GLN G 107 12.11 -9.22 1.79
C GLN G 107 12.86 -10.41 1.20
N GLN G 108 12.82 -11.55 1.89
CA GLN G 108 13.45 -12.76 1.36
C GLN G 108 12.78 -13.20 0.07
N TYR G 109 11.45 -13.12 0.00
CA TYR G 109 10.75 -13.48 -1.22
C TYR G 109 11.17 -12.60 -2.38
N SER G 110 11.26 -11.29 -2.16
CA SER G 110 11.68 -10.38 -3.22
C SER G 110 13.12 -10.66 -3.64
N PHE G 111 14.00 -10.91 -2.68
CA PHE G 111 15.39 -11.23 -2.99
C PHE G 111 15.48 -12.48 -3.86
N ILE G 112 14.74 -13.53 -3.49
CA ILE G 112 14.75 -14.76 -4.27
C ILE G 112 14.19 -14.51 -5.67
N ASN G 113 13.11 -13.72 -5.75
CA ASN G 113 12.52 -13.40 -7.04
C ASN G 113 13.52 -12.74 -7.97
N GLN G 114 14.22 -11.70 -7.48
CA GLN G 114 15.14 -11.00 -8.35
C GLN G 114 16.37 -11.84 -8.66
N MET G 115 16.83 -12.64 -7.69
CA MET G 115 17.97 -13.51 -7.94
C MET G 115 17.66 -14.51 -9.05
N CYS G 116 16.49 -15.15 -8.98
CA CYS G 116 16.13 -16.11 -10.02
C CYS G 116 15.81 -15.42 -11.35
N TYR G 117 15.29 -14.19 -11.29
CA TYR G 117 15.09 -13.42 -12.50
C TYR G 117 16.42 -13.15 -13.20
N GLU G 118 17.44 -12.77 -12.43
CA GLU G 118 18.75 -12.53 -13.01
C GLU G 118 19.39 -13.81 -13.51
N ARG G 119 19.21 -14.93 -12.80
CA ARG G 119 19.92 -16.15 -13.15
C ARG G 119 19.12 -17.02 -14.12
N ALA G 120 17.92 -17.44 -13.70
CA ALA G 120 17.21 -18.45 -14.47
C ALA G 120 16.60 -17.87 -15.74
N LEU G 121 16.01 -16.68 -15.66
CA LEU G 121 15.28 -16.14 -16.80
C LEU G 121 16.24 -15.80 -17.94
N HIS G 122 15.85 -16.19 -19.14
CA HIS G 122 16.72 -16.01 -20.30
C HIS G 122 16.87 -14.53 -20.64
N TRP G 123 18.05 -14.18 -21.18
CA TRP G 123 18.36 -12.78 -21.44
C TRP G 123 17.42 -12.16 -22.47
N TYR G 124 16.75 -12.98 -23.28
CA TYR G 124 15.85 -12.44 -24.28
C TYR G 124 14.66 -11.75 -23.61
N ALA G 125 14.14 -12.35 -22.52
CA ALA G 125 13.03 -11.75 -21.81
C ALA G 125 13.35 -10.32 -21.39
N LYS G 126 14.57 -10.09 -20.89
CA LYS G 126 14.96 -8.75 -20.47
C LYS G 126 15.25 -7.86 -21.67
N TYR G 127 15.92 -8.40 -22.70
CA TYR G 127 16.42 -7.58 -23.80
C TYR G 127 15.40 -7.31 -24.88
N PHE G 128 14.20 -7.88 -24.78
CA PHE G 128 13.18 -7.67 -25.81
C PHE G 128 12.85 -6.20 -26.05
N PRO G 129 12.60 -5.37 -25.04
CA PRO G 129 12.12 -4.01 -25.31
C PRO G 129 13.19 -3.06 -25.85
N TYR G 130 14.46 -3.46 -25.89
CA TYR G 130 15.48 -2.59 -26.46
C TYR G 130 15.63 -2.81 -27.96
N LEU G 131 15.44 -4.05 -28.42
CA LEU G 131 15.52 -4.35 -29.84
C LEU G 131 14.45 -3.60 -30.61
N VAL G 132 13.19 -3.90 -30.34
CA VAL G 132 12.08 -3.15 -30.91
C VAL G 132 11.95 -1.90 -30.07
N TYR G 280 17.66 -16.01 -35.95
CA TYR G 280 18.21 -16.31 -34.64
C TYR G 280 17.11 -16.50 -33.61
N ASN G 281 15.92 -15.98 -33.91
CA ASN G 281 14.78 -16.08 -33.01
C ASN G 281 14.07 -17.42 -33.11
N SER G 282 14.40 -18.26 -34.09
CA SER G 282 13.70 -19.53 -34.25
C SER G 282 13.87 -20.43 -33.04
N ALA G 283 15.10 -20.54 -32.52
CA ALA G 283 15.31 -21.27 -31.29
C ALA G 283 14.90 -20.46 -30.07
N LEU G 284 14.93 -19.12 -30.18
CA LEU G 284 14.60 -18.27 -29.06
C LEU G 284 13.12 -18.36 -28.70
N VAL G 285 12.25 -18.62 -29.68
CA VAL G 285 10.82 -18.74 -29.39
C VAL G 285 10.55 -19.91 -28.46
N SER G 286 11.17 -21.06 -28.75
CA SER G 286 11.03 -22.24 -27.90
C SER G 286 12.02 -22.24 -26.75
N LYS G 287 12.89 -21.22 -26.66
CA LYS G 287 13.89 -21.18 -25.60
C LYS G 287 13.25 -21.09 -24.22
N VAL G 288 12.35 -20.13 -24.03
CA VAL G 288 11.78 -19.86 -22.72
C VAL G 288 10.45 -20.57 -22.58
N GLN G 289 10.06 -20.82 -21.33
CA GLN G 289 8.77 -21.43 -21.00
C GLN G 289 8.14 -20.64 -19.87
N PHE G 290 6.92 -21.04 -19.51
CA PHE G 290 6.19 -20.33 -18.46
C PHE G 290 6.81 -20.60 -17.09
N THR G 291 6.83 -21.85 -16.66
CA THR G 291 7.41 -22.20 -15.38
C THR G 291 8.87 -22.60 -15.54
N VAL G 292 9.69 -22.15 -14.60
CA VAL G 292 11.14 -22.39 -14.64
C VAL G 292 11.60 -22.88 -13.28
N ASP G 293 12.79 -23.46 -13.25
CA ASP G 293 13.45 -23.86 -12.01
C ASP G 293 14.82 -23.22 -11.94
N CYS G 294 15.20 -22.72 -10.77
CA CYS G 294 16.52 -22.16 -10.54
C CYS G 294 17.15 -22.79 -9.31
N ASN G 295 18.38 -23.29 -9.47
CA ASN G 295 19.15 -23.83 -8.35
C ASN G 295 20.09 -22.72 -7.87
N VAL G 296 19.49 -21.70 -7.27
CA VAL G 296 20.22 -20.53 -6.80
C VAL G 296 20.95 -20.87 -5.50
N ASP G 297 22.26 -20.57 -5.47
CA ASP G 297 23.11 -20.94 -4.34
C ASP G 297 22.92 -19.98 -3.17
N ILE G 298 21.81 -20.17 -2.46
CA ILE G 298 21.52 -19.38 -1.27
C ILE G 298 21.40 -20.27 -0.03
N GLN G 299 22.17 -21.36 0.04
CA GLN G 299 22.23 -22.15 1.26
C GLN G 299 22.84 -21.34 2.40
N ASP G 300 22.27 -21.47 3.59
CA ASP G 300 22.54 -20.66 4.77
C ASP G 300 22.21 -19.19 4.53
N MET G 301 21.65 -18.86 3.37
CA MET G 301 21.18 -17.53 3.04
C MET G 301 19.67 -17.42 3.15
N THR G 302 18.94 -18.34 2.50
CA THR G 302 17.50 -18.48 2.70
C THR G 302 17.10 -19.89 3.11
N GLY G 303 17.99 -20.87 3.01
CA GLY G 303 17.71 -22.22 3.43
C GLY G 303 17.38 -23.20 2.33
N TYR G 304 17.18 -22.74 1.10
CA TYR G 304 16.85 -23.61 -0.01
C TYR G 304 17.63 -23.18 -1.24
N LYS G 305 17.82 -24.13 -2.16
CA LYS G 305 18.51 -23.84 -3.41
C LYS G 305 17.60 -23.99 -4.62
N ASN G 306 16.80 -25.05 -4.67
CA ASN G 306 15.90 -25.29 -5.79
C ASN G 306 14.62 -24.50 -5.60
N PHE G 307 14.31 -23.64 -6.57
CA PHE G 307 13.12 -22.80 -6.52
C PHE G 307 12.37 -22.91 -7.84
N SER G 308 11.08 -23.23 -7.75
CA SER G 308 10.19 -23.22 -8.91
C SER G 308 9.54 -21.85 -9.00
N CYS G 309 9.52 -21.28 -10.21
CA CYS G 309 9.09 -19.91 -10.40
C CYS G 309 8.23 -19.81 -11.65
N ASN G 310 7.44 -18.74 -11.69
CA ASN G 310 6.71 -18.40 -12.91
C ASN G 310 6.41 -16.91 -12.93
N HIS G 311 6.12 -16.42 -14.14
CA HIS G 311 5.74 -15.03 -14.35
C HIS G 311 4.69 -14.97 -15.45
N THR G 312 3.71 -14.10 -15.26
CA THR G 312 2.56 -14.04 -16.16
C THR G 312 2.93 -13.62 -17.57
N MET G 313 3.97 -12.81 -17.74
CA MET G 313 4.32 -12.29 -19.06
C MET G 313 5.07 -13.31 -19.92
N ALA G 314 5.28 -14.53 -19.41
CA ALA G 314 5.93 -15.55 -20.24
C ALA G 314 5.09 -15.89 -21.46
N HIS G 315 3.88 -16.40 -21.24
CA HIS G 315 3.01 -16.74 -22.36
C HIS G 315 2.57 -15.50 -23.12
N LEU G 316 2.42 -14.37 -22.42
CA LEU G 316 2.05 -13.12 -23.08
C LEU G 316 3.10 -12.72 -24.10
N PHE G 317 4.37 -12.69 -23.68
CA PHE G 317 5.44 -12.30 -24.58
C PHE G 317 5.69 -13.37 -25.63
N SER G 318 5.42 -14.64 -25.32
CA SER G 318 5.53 -15.68 -26.33
C SER G 318 4.52 -15.46 -27.44
N LYS G 319 3.27 -15.15 -27.08
CA LYS G 319 2.26 -14.86 -28.10
C LYS G 319 2.62 -13.59 -28.88
N LEU G 320 3.07 -12.56 -28.18
CA LEU G 320 3.47 -11.32 -28.84
C LEU G 320 4.59 -11.58 -29.84
N SER G 321 5.57 -12.40 -29.46
CA SER G 321 6.71 -12.68 -30.32
C SER G 321 6.30 -13.56 -31.50
N PHE G 322 5.40 -14.52 -31.27
CA PHE G 322 4.90 -15.30 -32.39
C PHE G 322 4.17 -14.41 -33.37
N CYS G 323 3.40 -13.45 -32.86
CA CYS G 323 2.87 -12.40 -33.72
C CYS G 323 3.99 -11.55 -34.29
N TYR G 324 4.98 -11.20 -33.47
CA TYR G 324 6.11 -10.41 -33.93
C TYR G 324 7.12 -11.29 -34.66
#